data_7X10
#
_entry.id   7X10
#
loop_
_entity.id
_entity.type
_entity.pdbx_description
1 polymer 'engineered G alpha 12 subunit'
2 polymer 'Guanine nucleotide-binding protein G(I)/G(S)/G(T) subunit beta-1'
3 polymer scFv16
4 polymer 'Guanine nucleotide-binding protein G(I)/G(S)/G(O) subunit gamma-2'
5 polymer 'Isoform 3 of Adhesion G protein-coupled receptor L3'
#
loop_
_entity_poly.entity_id
_entity_poly.type
_entity_poly.pdbx_seq_one_letter_code
_entity_poly.pdbx_strand_id
1 'polypeptide(L)'
;MMGCTLSAEDKAAVERSKMIDALLARERRAVRRLVKILLLGADNSGKSTFLKQMRIIHVNGYSEEECKQYKAVVYSNTIQ
SIIAIIRAMGRLKIDFGDSARADDARQLFVLAGAAEEGFMTAELAGVIKRLWKDSGVQACFNRSREYQLNDSAAYYLNDL
DRIAQPNYIPTQQDVLRTRVKTKGIVEHDFVIKKIPFKMVDVGAQRSQRQKWFQCFDGITSILFMVDSSDYNRLVESMND
FETIVNNKLFFNVSIILFLNKMDLLVEKVKTVSIKKHFPDFRGDPHRLEDVQRYLVQCFDRKRRNRSKPLFHHFTTSIDT
ENARFIFHAVKDTILQENLKDIMLQ
;
A
2 'polypeptide(L)'
;MGSLLQSELDQLRQEAEQLKNQIRDARKACADATLSQITNNIDPVGRIQMRTRRTLRGHLAKIYAMHWGTDSRLLVSASQ
DGKLIIWDSYTTNKVHAIPLRSSWVMTCAYAPSGNYVACGGLDNICSIYNLKTREGNVRVSRELAGHTGYLSCCRFLDDN
QIVTSSGDTTCALWDIETGQQTTTFTGHTGDVMSLSLAPDTRLFVSGACDASAKLWDVREGMCRQTFTGHESDINAICFF
PNGNAFATGSDDATCRLFDLRADQELMTYSHDNIICGITSVSFSKSGRLLLAGYDDFNCNVWDALKADRAGVLAGHDNRV
SCLGVTDDGMAVATGSWDSFLKIWN
;
B
3 'polypeptide(L)'
;VQLVESGGGLVQPGGSRKLSCSASGFAFSSFGMHWVRQAPEKGLEWVAYISSGSGTIYYADTVKGRFTISRDDPKNTLFL
QMTSLRSEDTAMYYCVRSIYYYGSSPFDFWGQGTTLTVSAGGGGSGGGGSGGGGSADIVMTQATSSVPVTPGESVSISCR
SSKSLLHSNGNTYLYWFLQRPGQSPQLLIYRMSNLASGVPDRFSGSGSGTAFTLTISRLEAEDVGVYYCMQHLEYPLTFG
AGTKLEL
;
E
4 'polypeptide(L)' MASNNTASIAQARKLVEQLKMEANIDRIKVSKAAADLMAYCEAHAKEDPLLTPVPASENPFREKKFFCAIL G
5 'polypeptide(L)'
;MWPPQLLILTMLLAPVVHGGKHNERHPALAAPLRHAERSPGGALPPRHLLQQPAAERSTAHRGQGPRGAARGVRGPGAPG
AQIAAQAFSRAPIPMAVVRRELSCESYPIELRCPGTDVIMIESANYGRTDDKICDSDPAQMENIRCYLPDAYKIMSQRCN
NRTQCAVVAGPDVFPDPCPGTYKYLEVQYECVPYKVEQKVFLCPGLLKGVYQSEHLFESDHQSGAWCKDPLQASDKIYYM
PWTPYRTDTLTEYSSKDDFIAGRPTTTYKLPHRVDGTGFVVYDGALFFNKERTRNIVKFDLRTRIKSGEAIIANANYHDT
SPYRWGGKSDIDLAVDENGLWVIYATEQNNGKIVISQLNPYTLRIEGTWDTAYDKRSASNAFMICGILYVVKSVYEDDDN
EATGNKIDYIYNTDQSKDSLVDVPFPNSYQYIAAVDYNPRDNLLYVWNNYHVVKYSLDFGPLDSRSGPVHHGQVSYISPP
IHLDSELERPPVRGISTTGSLGMGSTTTSTTLRTTTWNIGRSTTASLPGRRNRSTSTPSPAVEVLDDVTTHLPSAASQIP
AMEESCEAVEAREIMWFKTRQGQVAKQPCPAGTIGVSTYLCLAPDGIWDPQGPDLSNCSSPWVNHITQKLKSGETAANIA
RELAEQTRNHLNAGDITYSVRAMDQLVGLLDVQLRNLTPGGKDSAARSLNKLQKRERSCRAYVQAMVETVNNLLQPQALN
AWRDLTTSDQLRAATMLLDTVEESAFVLADNLLKTDIVRENTDNIQLEVARLSTEGNLEDLKFPENMGHGSTIQLSANTL
KQNGRNGEIRVAFVLYNNLGPYLSTENASMKLGTEAMSTNHSVIVNSPVITAAINKEFSNKVYLADPVVFTVKHIKQSEE
NFNPNCSFWSYSKRTMTGYWSTQGCRLLTTNKTHTTCSCNHLTNFAVLMAHVEVKHSDAVHDLLLDVITWVGILLSLVCL
LICIFTFCFFRGLQSDRNTIHKNLCISLFVAELLFLIGINRTDQPIACAVFAALLHFFFLAAFTWMFLEGVQLYIMLVEV
FESEHSRRKYFYLVGYGMPALIVAVSAAVDYRSYGTDKVCWLRLDTYFIWSFIGPATLIIMLNVIFLGIALYKMFHHTAI
LKPESGCLDNINYEDNRPFIKSWVIGAIALLCLLGLTWAFGLMYINESTVIMAYLFTIFNSLQGMFIFIFHCVLQKKVRK
EYGKCLRTHCCSGKSTESSIGSGKTSGSRTPGRYSTGSQSRIRRMWNDTVRKQSESSFITGDINSSASLNREPYRETKGL
LNNARDTSVMDTLPLNGNHGNSYSIAGGEYLSNCVQIIDRGYNHNETALEKKILKELTSNYIPSYLNNHERSSEQNRNMM
NKLVNNLGSGSEDDAIVLDDAASFNHEESLGLELIHEESDAPLLPPRVYSTDNHQPHHYSRRRFPQDHSESFFPLLTDEH
TEDLQSPHRDSLYTSMPALAGVPAADSVTTSTQTEAAAAKGGDAEDVYYKSMPNLGSRNHVHPLHAYYQLGRGSSDGFIV
PPNKDGASPEGTSKGPAHLVTSL
;
R
#
# COMPACT_ATOMS: atom_id res chain seq x y z
N SER A 7 -23.05 -9.92 -13.80
CA SER A 7 -23.15 -8.52 -13.43
C SER A 7 -24.36 -8.30 -12.53
N ALA A 8 -24.60 -7.03 -12.20
CA ALA A 8 -25.75 -6.58 -11.41
C ALA A 8 -25.64 -6.99 -9.96
N GLU A 9 -24.63 -7.80 -9.64
CA GLU A 9 -24.18 -7.97 -8.26
C GLU A 9 -22.67 -8.00 -8.11
N ASP A 10 -21.91 -8.08 -9.19
CA ASP A 10 -20.47 -7.74 -9.18
C ASP A 10 -20.29 -6.30 -9.62
N LYS A 11 -21.12 -5.43 -9.07
CA LYS A 11 -21.11 -4.02 -9.41
C LYS A 11 -21.23 -3.10 -8.21
N ALA A 12 -21.75 -3.58 -7.08
CA ALA A 12 -21.59 -2.85 -5.82
C ALA A 12 -20.22 -3.08 -5.20
N ALA A 13 -19.59 -4.22 -5.52
CA ALA A 13 -18.23 -4.47 -5.07
C ALA A 13 -17.26 -3.40 -5.59
N VAL A 14 -17.51 -2.90 -6.80
CA VAL A 14 -16.68 -1.83 -7.36
C VAL A 14 -16.81 -0.56 -6.53
N GLU A 15 -18.03 -0.23 -6.11
CA GLU A 15 -18.22 0.93 -5.25
C GLU A 15 -17.41 0.70 -3.99
N ARG A 16 -17.60 -0.44 -3.33
CA ARG A 16 -16.92 -0.71 -2.07
C ARG A 16 -15.41 -0.50 -2.21
N SER A 17 -14.84 -1.03 -3.29
CA SER A 17 -13.41 -0.87 -3.54
C SER A 17 -13.03 0.60 -3.69
N LYS A 18 -13.86 1.37 -4.41
CA LYS A 18 -13.54 2.78 -4.62
C LYS A 18 -13.57 3.55 -3.30
N MET A 19 -14.54 3.26 -2.43
CA MET A 19 -14.58 3.95 -1.15
C MET A 19 -13.33 3.64 -0.31
N ILE A 20 -12.91 2.38 -0.27
CA ILE A 20 -11.70 2.05 0.48
C ILE A 20 -10.49 2.78 -0.10
N ASP A 21 -10.42 2.84 -1.44
CA ASP A 21 -9.33 3.55 -2.09
C ASP A 21 -9.31 5.01 -1.69
N ALA A 22 -10.49 5.65 -1.63
CA ALA A 22 -10.55 7.05 -1.23
C ALA A 22 -10.04 7.26 0.19
N LEU A 23 -10.40 6.34 1.09
CA LEU A 23 -9.94 6.47 2.47
C LEU A 23 -8.41 6.40 2.55
N LEU A 24 -7.80 5.42 1.89
CA LEU A 24 -6.34 5.34 1.91
C LEU A 24 -5.69 6.54 1.24
N ALA A 25 -6.30 7.03 0.15
CA ALA A 25 -5.74 8.17 -0.56
C ALA A 25 -5.82 9.45 0.24
N ARG A 26 -6.76 9.54 1.19
CA ARG A 26 -6.72 10.71 2.06
C ARG A 26 -5.80 10.50 3.26
N GLU A 27 -5.46 9.26 3.61
CA GLU A 27 -4.48 9.06 4.68
C GLU A 27 -3.03 9.23 4.23
N ARG A 28 -2.75 9.07 2.93
CA ARG A 28 -1.37 9.19 2.43
C ARG A 28 -0.72 10.51 2.83
N ARG A 29 -1.42 11.63 2.63
CA ARG A 29 -0.82 12.95 2.85
C ARG A 29 -0.41 13.14 4.30
N ALA A 30 -1.31 12.79 5.23
CA ALA A 30 -0.98 12.90 6.65
C ALA A 30 0.14 11.95 7.05
N VAL A 31 0.24 10.79 6.40
CA VAL A 31 1.39 9.93 6.65
C VAL A 31 2.67 10.63 6.21
N ARG A 32 2.62 11.38 5.11
CA ARG A 32 3.83 12.00 4.57
C ARG A 32 4.21 13.31 5.27
N ARG A 33 3.31 13.93 6.04
CA ARG A 33 3.66 15.16 6.75
C ARG A 33 4.31 14.95 8.11
N LEU A 34 4.38 13.72 8.61
CA LEU A 34 4.78 13.46 9.99
C LEU A 34 6.30 13.52 10.14
N VAL A 35 6.75 13.82 11.36
CA VAL A 35 8.18 13.87 11.68
C VAL A 35 8.46 12.84 12.76
N LYS A 36 9.25 11.81 12.43
CA LYS A 36 9.60 10.73 13.34
C LYS A 36 11.04 10.87 13.81
N ILE A 37 11.24 10.90 15.13
CA ILE A 37 12.55 11.06 15.74
C ILE A 37 12.80 9.86 16.65
N LEU A 38 13.98 9.25 16.54
CA LEU A 38 14.35 8.18 17.45
C LEU A 38 15.24 8.74 18.55
N LEU A 39 15.15 8.13 19.73
CA LEU A 39 15.73 8.69 20.95
C LEU A 39 16.59 7.63 21.62
N LEU A 40 17.91 7.89 21.70
CA LEU A 40 18.85 6.90 22.21
C LEU A 40 19.85 7.54 23.18
N GLY A 41 20.43 6.70 24.00
CA GLY A 41 21.43 7.12 24.97
C GLY A 41 21.42 6.20 26.17
N ALA A 42 22.43 6.39 27.01
CA ALA A 42 22.54 5.66 28.27
C ALA A 42 22.22 6.54 29.48
N ASP A 43 21.67 7.74 29.26
CA ASP A 43 21.37 8.69 30.32
C ASP A 43 19.86 8.78 30.47
N ASN A 44 19.32 8.09 31.47
CA ASN A 44 17.87 8.06 31.65
C ASN A 44 17.35 9.34 32.29
N SER A 45 18.13 9.94 33.19
CA SER A 45 17.68 11.17 33.85
C SER A 45 17.51 12.30 32.83
N GLY A 46 18.46 12.43 31.90
CA GLY A 46 18.33 13.43 30.86
C GLY A 46 17.13 13.18 29.97
N LYS A 47 16.85 11.92 29.65
CA LYS A 47 15.69 11.59 28.84
C LYS A 47 14.40 11.99 29.55
N SER A 48 14.29 11.65 30.84
CA SER A 48 13.09 12.01 31.58
C SER A 48 12.91 13.52 31.65
N THR A 49 14.00 14.24 31.95
CA THR A 49 13.91 15.70 32.04
C THR A 49 13.52 16.32 30.71
N PHE A 50 14.13 15.84 29.62
CA PHE A 50 13.82 16.40 28.30
C PHE A 50 12.38 16.14 27.92
N LEU A 51 11.87 14.94 28.20
CA LEU A 51 10.48 14.64 27.87
C LEU A 51 9.52 15.50 28.68
N LYS A 52 9.82 15.69 29.97
CA LYS A 52 8.98 16.55 30.80
C LYS A 52 8.95 17.97 30.24
N GLN A 53 10.13 18.49 29.88
CA GLN A 53 10.20 19.84 29.33
C GLN A 53 9.43 19.94 28.00
N MET A 54 9.53 18.90 27.16
CA MET A 54 8.81 18.93 25.90
C MET A 54 7.29 18.96 26.12
N ARG A 55 6.81 18.20 27.10
CA ARG A 55 5.39 18.25 27.42
C ARG A 55 4.99 19.63 27.91
N ILE A 56 5.83 20.25 28.74
CA ILE A 56 5.53 21.60 29.23
C ILE A 56 5.45 22.59 28.06
N ILE A 57 6.36 22.47 27.10
CA ILE A 57 6.33 23.35 25.94
C ILE A 57 5.07 23.12 25.12
N HIS A 58 4.71 21.85 24.88
CA HIS A 58 3.54 21.55 24.06
C HIS A 58 2.28 22.09 24.69
N VAL A 59 2.12 21.92 26.01
CA VAL A 59 0.92 22.41 26.67
C VAL A 59 0.91 23.94 26.71
N ASN A 60 2.08 24.55 26.90
CA ASN A 60 2.20 25.99 27.11
C ASN A 60 1.40 26.43 28.32
N LYS A 183 7.14 -3.74 29.16
CA LYS A 183 7.14 -2.34 28.73
C LYS A 183 6.85 -2.24 27.24
N GLY A 184 7.87 -2.47 26.43
CA GLY A 184 7.72 -2.44 24.98
C GLY A 184 8.17 -1.11 24.41
N ILE A 185 7.32 -0.50 23.59
CA ILE A 185 7.60 0.77 22.94
C ILE A 185 6.65 1.82 23.50
N VAL A 186 7.18 3.00 23.79
CA VAL A 186 6.41 4.07 24.40
C VAL A 186 6.48 5.28 23.47
N GLU A 187 5.51 5.38 22.56
CA GLU A 187 5.47 6.50 21.63
C GLU A 187 4.86 7.72 22.29
N HIS A 188 5.52 8.86 22.11
CA HIS A 188 5.02 10.15 22.57
C HIS A 188 4.74 11.03 21.35
N ASP A 189 3.62 11.76 21.40
CA ASP A 189 3.16 12.55 20.27
C ASP A 189 3.02 14.01 20.67
N PHE A 190 3.52 14.90 19.81
CA PHE A 190 3.53 16.33 20.11
C PHE A 190 3.21 17.12 18.84
N VAL A 191 2.93 18.41 19.05
CA VAL A 191 2.78 19.38 17.97
C VAL A 191 3.56 20.61 18.35
N ILE A 192 4.71 20.82 17.72
CA ILE A 192 5.60 21.93 18.11
C ILE A 192 5.01 23.26 17.68
N LYS A 193 4.88 23.46 16.37
CA LYS A 193 4.15 24.62 15.86
C LYS A 193 3.54 24.23 14.51
N LYS A 194 2.29 23.75 14.57
CA LYS A 194 1.51 23.30 13.41
C LYS A 194 2.14 22.11 12.70
N ILE A 195 3.06 21.38 13.34
CA ILE A 195 3.71 20.22 12.72
C ILE A 195 3.66 19.03 13.67
N PRO A 196 3.31 17.84 13.20
CA PRO A 196 3.26 16.66 14.10
C PRO A 196 4.58 15.94 14.29
N PHE A 197 4.92 15.69 15.56
CA PHE A 197 6.16 15.06 15.97
C PHE A 197 5.87 13.76 16.72
N LYS A 198 6.65 12.73 16.44
CA LYS A 198 6.54 11.45 17.13
C LYS A 198 7.91 10.99 17.62
N MET A 199 8.02 10.73 18.91
CA MET A 199 9.24 10.24 19.54
C MET A 199 9.06 8.85 20.15
N VAL A 200 9.98 7.94 19.85
CA VAL A 200 9.72 6.52 20.02
C VAL A 200 10.22 6.01 21.36
N ASP A 201 11.53 6.11 21.61
CA ASP A 201 12.12 5.76 22.90
C ASP A 201 11.81 4.30 23.28
N VAL A 202 12.34 3.38 22.47
CA VAL A 202 12.16 1.96 22.74
C VAL A 202 12.77 1.58 24.08
N SER A 207 20.26 -8.25 22.96
CA SER A 207 21.59 -7.86 22.48
C SER A 207 21.62 -7.80 20.96
N GLN A 208 20.62 -8.41 20.33
CA GLN A 208 20.52 -8.41 18.86
C GLN A 208 19.59 -7.29 18.40
N ARG A 209 20.10 -6.06 18.55
CA ARG A 209 19.34 -4.89 18.13
C ARG A 209 19.33 -4.71 16.62
N GLN A 210 20.25 -5.35 15.90
CA GLN A 210 20.31 -5.19 14.45
C GLN A 210 19.06 -5.73 13.77
N LYS A 211 18.43 -6.75 14.34
CA LYS A 211 17.16 -7.24 13.81
C LYS A 211 16.03 -6.27 14.13
N TRP A 212 16.08 -5.65 15.31
CA TRP A 212 15.07 -4.70 15.71
C TRP A 212 15.11 -3.44 14.85
N PHE A 213 16.30 -3.07 14.37
CA PHE A 213 16.48 -1.81 13.65
C PHE A 213 15.90 -1.81 12.25
N GLN A 214 15.37 -2.93 11.77
CA GLN A 214 14.83 -2.96 10.41
C GLN A 214 13.63 -2.04 10.26
N CYS A 215 12.88 -1.82 11.34
CA CYS A 215 11.61 -1.12 11.28
C CYS A 215 11.75 0.40 11.34
N PHE A 216 12.96 0.93 11.44
CA PHE A 216 13.17 2.35 11.67
C PHE A 216 13.91 3.00 10.50
N ASP A 217 13.53 2.66 9.27
CA ASP A 217 14.19 3.23 8.11
C ASP A 217 13.49 4.47 7.55
N GLY A 218 12.31 4.80 8.06
CA GLY A 218 11.58 5.97 7.62
C GLY A 218 11.70 7.18 8.52
N ILE A 219 12.65 7.20 9.44
CA ILE A 219 12.76 8.27 10.41
C ILE A 219 13.60 9.40 9.85
N THR A 220 13.55 10.56 10.49
CA THR A 220 14.26 11.75 10.04
C THR A 220 15.55 12.01 10.82
N SER A 221 15.58 11.69 12.11
CA SER A 221 16.73 12.05 12.93
C SER A 221 16.83 11.15 14.15
N ILE A 222 18.07 10.95 14.59
CA ILE A 222 18.40 10.19 15.80
C ILE A 222 19.01 11.14 16.81
N LEU A 223 18.49 11.13 18.03
CA LEU A 223 18.88 12.06 19.09
C LEU A 223 19.59 11.27 20.18
N PHE A 224 20.89 11.54 20.33
CA PHE A 224 21.78 10.78 21.20
C PHE A 224 22.15 11.64 22.41
N MET A 225 21.79 11.18 23.60
CA MET A 225 22.07 11.92 24.83
C MET A 225 23.24 11.30 25.57
N VAL A 226 24.19 12.14 26.01
CA VAL A 226 25.38 11.68 26.71
C VAL A 226 25.68 12.59 27.88
N ASP A 227 26.02 11.97 29.01
CA ASP A 227 26.53 12.68 30.18
C ASP A 227 27.95 13.17 29.91
N SER A 228 28.23 14.40 30.35
CA SER A 228 29.56 14.99 30.19
C SER A 228 30.40 14.90 31.45
N SER A 229 29.80 15.14 32.63
CA SER A 229 30.52 15.13 33.89
C SER A 229 30.65 13.69 34.40
N ASP A 230 31.51 12.93 33.71
CA ASP A 230 31.71 11.52 34.04
C ASP A 230 33.18 11.13 34.15
N ASN A 232 35.59 6.20 34.41
CA ASN A 232 34.69 6.91 33.52
C ASN A 232 33.97 5.97 32.57
N ARG A 233 32.93 6.48 31.92
CA ARG A 233 32.20 5.71 30.91
C ARG A 233 32.14 6.44 29.57
N LEU A 234 32.95 7.47 29.37
CA LEU A 234 32.92 8.21 28.11
C LEU A 234 33.36 7.32 26.94
N VAL A 235 34.34 6.45 27.16
CA VAL A 235 34.79 5.56 26.09
C VAL A 235 33.67 4.59 25.72
N GLU A 236 32.89 4.15 26.70
CA GLU A 236 31.75 3.29 26.41
C GLU A 236 30.73 4.00 25.52
N SER A 237 30.44 5.26 25.85
CA SER A 237 29.52 6.04 25.03
C SER A 237 30.07 6.25 23.63
N MET A 238 31.37 6.50 23.50
CA MET A 238 31.95 6.68 22.18
C MET A 238 31.87 5.41 21.35
N ASN A 239 32.13 4.26 21.97
CA ASN A 239 32.03 2.99 21.25
C ASN A 239 30.60 2.74 20.79
N ASP A 240 29.63 2.99 21.66
CA ASP A 240 28.24 2.83 21.28
C ASP A 240 27.86 3.77 20.14
N PHE A 241 28.35 5.02 20.21
CA PHE A 241 28.11 5.99 19.14
C PHE A 241 28.63 5.47 17.81
N GLU A 242 29.87 4.97 17.80
CA GLU A 242 30.44 4.47 16.56
C GLU A 242 29.65 3.28 16.03
N THR A 243 29.22 2.38 16.93
CA THR A 243 28.44 1.23 16.48
C THR A 243 27.12 1.66 15.86
N ILE A 244 26.47 2.67 16.46
CA ILE A 244 25.17 3.11 15.97
C ILE A 244 25.30 3.81 14.62
N VAL A 245 26.29 4.70 14.47
CA VAL A 245 26.32 5.60 13.32
C VAL A 245 26.55 4.82 12.03
N ASN A 246 27.69 4.15 11.91
CA ASN A 246 28.07 3.52 10.65
C ASN A 246 27.24 2.29 10.36
N ASN A 247 25.95 2.47 10.11
CA ASN A 247 25.04 1.39 9.77
C ASN A 247 24.45 1.64 8.40
N LYS A 248 24.18 0.56 7.67
CA LYS A 248 23.71 0.70 6.30
C LYS A 248 22.29 1.25 6.22
N LEU A 249 21.47 0.99 7.24
CA LEU A 249 20.08 1.45 7.19
C LEU A 249 19.97 2.95 7.45
N PHE A 250 20.98 3.55 8.06
CA PHE A 250 20.95 4.95 8.46
C PHE A 250 21.70 5.85 7.49
N PHE A 251 21.63 5.56 6.19
CA PHE A 251 22.39 6.32 5.20
C PHE A 251 21.76 7.68 4.92
N ASN A 252 20.50 7.89 5.28
CA ASN A 252 19.81 9.14 5.01
C ASN A 252 19.08 9.63 6.25
N VAL A 253 19.78 9.62 7.40
CA VAL A 253 19.24 10.16 8.64
C VAL A 253 20.28 11.08 9.24
N SER A 254 19.82 12.16 9.87
CA SER A 254 20.72 13.07 10.55
C SER A 254 20.81 12.72 12.04
N ILE A 255 21.87 13.22 12.67
CA ILE A 255 22.18 12.89 14.05
C ILE A 255 22.30 14.18 14.86
N ILE A 256 21.58 14.23 15.98
CA ILE A 256 21.67 15.33 16.92
C ILE A 256 22.29 14.81 18.21
N LEU A 257 23.24 15.57 18.76
CA LEU A 257 24.03 15.15 19.90
C LEU A 257 23.81 16.10 21.06
N PHE A 258 23.44 15.55 22.22
CA PHE A 258 23.24 16.33 23.44
C PHE A 258 24.33 15.96 24.43
N LEU A 259 25.06 16.97 24.89
CA LEU A 259 26.07 16.81 25.94
C LEU A 259 25.53 17.51 27.17
N ASN A 260 25.11 16.75 28.17
CA ASN A 260 24.33 17.32 29.25
C ASN A 260 25.12 17.36 30.56
N LYS A 261 24.45 17.86 31.61
CA LYS A 261 25.03 18.06 32.93
C LYS A 261 26.28 18.95 32.86
N MET A 262 26.02 20.21 32.48
CA MET A 262 27.07 21.23 32.45
C MET A 262 27.43 21.76 33.83
N ASP A 263 26.46 21.87 34.74
CA ASP A 263 26.74 22.46 36.04
C ASP A 263 27.76 21.63 36.81
N LEU A 264 27.62 20.31 36.78
CA LEU A 264 28.58 19.45 37.46
C LEU A 264 29.97 19.58 36.87
N LEU A 265 30.06 19.66 35.53
CA LEU A 265 31.35 19.81 34.89
C LEU A 265 32.00 21.15 35.26
N VAL A 266 31.21 22.22 35.30
CA VAL A 266 31.75 23.53 35.70
C VAL A 266 32.24 23.48 37.13
N GLU A 267 31.46 22.87 38.03
CA GLU A 267 31.88 22.79 39.43
C GLU A 267 33.15 21.96 39.58
N LYS A 268 33.26 20.87 38.83
CA LYS A 268 34.39 19.96 38.98
C LYS A 268 35.59 20.38 38.14
N VAL A 269 35.45 21.43 37.33
CA VAL A 269 36.62 22.11 36.77
C VAL A 269 36.98 23.39 37.53
N LYS A 270 36.09 23.89 38.39
CA LYS A 270 36.48 24.93 39.32
C LYS A 270 37.58 24.43 40.25
N THR A 271 37.34 23.28 40.89
CA THR A 271 38.40 22.48 41.50
C THR A 271 38.72 21.38 40.50
N VAL A 272 39.56 21.75 39.52
CA VAL A 272 39.69 20.95 38.31
C VAL A 272 40.36 19.62 38.60
N SER A 273 39.81 18.56 38.02
CA SER A 273 40.42 17.23 38.01
C SER A 273 40.91 16.94 36.61
N ILE A 274 42.16 16.50 36.50
CA ILE A 274 42.85 16.42 35.21
C ILE A 274 42.26 15.34 34.32
N LYS A 275 42.64 15.36 33.05
CA LYS A 275 42.20 14.37 32.08
C LYS A 275 42.95 13.05 32.27
N LYS A 276 42.72 12.10 31.37
CA LYS A 276 43.43 10.84 31.36
C LYS A 276 44.65 10.96 30.44
N HIS A 277 45.24 9.83 30.08
CA HIS A 277 46.47 9.80 29.28
C HIS A 277 46.24 10.17 27.82
N PHE A 278 45.00 10.39 27.38
CA PHE A 278 44.78 10.73 26.00
C PHE A 278 45.35 12.12 25.69
N PRO A 279 45.74 12.38 24.45
CA PRO A 279 46.40 13.65 24.14
C PRO A 279 45.48 14.87 24.20
N ASP A 280 45.14 15.32 25.40
CA ASP A 280 44.61 16.66 25.55
C ASP A 280 45.75 17.64 25.36
N PHE A 281 45.91 18.14 24.13
CA PHE A 281 47.15 18.82 23.76
C PHE A 281 47.34 20.12 24.53
N ARG A 282 46.29 20.94 24.63
CA ARG A 282 46.42 22.29 25.15
C ARG A 282 45.53 22.47 26.37
N GLY A 283 46.08 23.12 27.39
CA GLY A 283 45.34 23.48 28.58
C GLY A 283 44.64 22.32 29.26
N ASP A 284 45.42 21.41 29.85
CA ASP A 284 44.82 20.22 30.45
C ASP A 284 43.86 20.56 31.58
N PRO A 285 44.25 21.33 32.63
CA PRO A 285 43.29 21.74 33.66
C PRO A 285 42.68 23.11 33.39
N HIS A 286 42.16 23.31 32.19
CA HIS A 286 41.67 24.61 31.78
C HIS A 286 40.19 24.75 32.12
N ARG A 287 39.65 25.93 31.83
CA ARG A 287 38.22 26.15 31.94
C ARG A 287 37.50 25.33 30.88
N LEU A 288 36.16 25.38 30.91
CA LEU A 288 35.35 24.55 30.03
C LEU A 288 35.56 24.88 28.55
N GLU A 289 36.12 26.05 28.24
CA GLU A 289 36.22 26.46 26.84
C GLU A 289 37.26 25.66 26.07
N ASP A 290 38.16 24.95 26.76
CA ASP A 290 39.14 24.10 26.11
C ASP A 290 38.87 22.62 26.29
N VAL A 291 37.87 22.26 27.09
CA VAL A 291 37.46 20.89 27.26
C VAL A 291 36.25 20.55 26.38
N GLN A 292 35.33 21.50 26.26
CA GLN A 292 34.17 21.29 25.40
C GLN A 292 34.59 21.06 23.96
N ARG A 293 35.53 21.85 23.46
CA ARG A 293 35.97 21.69 22.08
C ARG A 293 36.61 20.33 21.86
N TYR A 294 37.42 19.87 22.80
CA TYR A 294 38.02 18.55 22.67
C TYR A 294 36.96 17.46 22.66
N LEU A 295 35.96 17.56 23.55
CA LEU A 295 34.93 16.52 23.60
C LEU A 295 34.11 16.50 22.32
N VAL A 296 33.72 17.67 21.82
CA VAL A 296 32.92 17.71 20.60
C VAL A 296 33.74 17.23 19.41
N GLN A 297 35.05 17.52 19.38
CA GLN A 297 35.89 17.00 18.32
C GLN A 297 36.05 15.50 18.42
N CYS A 298 36.15 14.95 19.64
CA CYS A 298 36.23 13.51 19.81
C CYS A 298 34.99 12.82 19.28
N PHE A 299 33.81 13.40 19.54
CA PHE A 299 32.59 12.79 19.03
C PHE A 299 32.37 13.05 17.54
N ASP A 300 32.88 14.17 17.01
CA ASP A 300 32.60 14.53 15.63
C ASP A 300 33.18 13.48 14.68
N ARG A 301 34.38 13.00 14.96
CA ARG A 301 34.97 11.95 14.16
C ARG A 301 34.25 10.63 14.49
N LYS A 302 34.65 9.56 13.82
CA LYS A 302 33.99 8.25 13.81
C LYS A 302 32.81 8.20 12.85
N ARG A 303 32.52 9.29 12.14
CA ARG A 303 31.54 9.30 11.07
C ARG A 303 32.28 8.97 9.78
N ARG A 304 32.32 7.69 9.43
CA ARG A 304 33.08 7.28 8.25
C ARG A 304 32.36 7.69 6.97
N ASN A 305 31.06 7.47 6.91
CA ASN A 305 30.23 7.90 5.79
C ASN A 305 29.33 9.07 6.16
N ARG A 306 29.78 10.29 5.87
CA ARG A 306 29.22 11.49 6.51
C ARG A 306 28.00 12.02 5.77
N SER A 307 28.21 12.52 4.55
CA SER A 307 27.13 12.92 3.64
C SER A 307 26.20 13.98 4.22
N LYS A 308 26.45 14.42 5.46
CA LYS A 308 25.55 15.27 6.21
C LYS A 308 26.31 15.87 7.38
N PRO A 309 25.81 16.96 7.97
CA PRO A 309 26.49 17.54 9.13
C PRO A 309 26.03 16.92 10.43
N LEU A 310 26.85 17.15 11.46
CA LEU A 310 26.57 16.69 12.83
C LEU A 310 26.26 17.90 13.68
N PHE A 311 24.99 18.05 14.05
CA PHE A 311 24.59 19.10 14.96
C PHE A 311 24.97 18.70 16.38
N HIS A 312 25.36 19.68 17.18
CA HIS A 312 25.71 19.43 18.57
C HIS A 312 25.20 20.57 19.43
N HIS A 313 25.09 20.29 20.73
CA HIS A 313 24.44 21.23 21.64
C HIS A 313 24.86 20.92 23.07
N PHE A 314 24.97 21.95 23.89
CA PHE A 314 25.22 21.80 25.32
C PHE A 314 23.95 22.20 26.05
N THR A 315 23.34 21.25 26.74
CA THR A 315 21.99 21.42 27.26
C THR A 315 21.92 22.55 28.28
N THR A 316 20.91 23.38 28.14
CA THR A 316 20.65 24.47 29.06
C THR A 316 19.27 24.28 29.72
N SER A 317 19.12 24.85 30.91
CA SER A 317 17.88 24.76 31.66
C SER A 317 16.80 25.68 31.13
N ILE A 318 17.03 26.32 29.99
CA ILE A 318 16.01 27.11 29.30
C ILE A 318 15.37 26.19 28.27
N ASP A 319 14.09 25.88 28.48
CA ASP A 319 13.41 24.87 27.66
C ASP A 319 13.29 25.33 26.21
N THR A 320 12.98 26.61 26.01
CA THR A 320 12.77 27.12 24.66
C THR A 320 14.00 26.96 23.79
N GLU A 321 15.19 27.00 24.39
CA GLU A 321 16.41 26.78 23.61
C GLU A 321 16.43 25.38 23.01
N ASN A 322 16.13 24.37 23.84
CA ASN A 322 16.09 23.00 23.35
C ASN A 322 15.03 22.83 22.27
N ALA A 323 13.84 23.38 22.50
CA ALA A 323 12.77 23.26 21.52
C ALA A 323 13.18 23.90 20.19
N ARG A 324 13.77 25.11 20.26
CA ARG A 324 14.15 25.81 19.04
C ARG A 324 15.23 25.07 18.28
N PHE A 325 16.22 24.54 18.97
CA PHE A 325 17.29 23.82 18.28
C PHE A 325 16.77 22.57 17.60
N ILE A 326 15.92 21.81 18.31
CA ILE A 326 15.43 20.57 17.72
C ILE A 326 14.42 20.84 16.62
N PHE A 327 13.82 22.04 16.59
CA PHE A 327 12.98 22.40 15.46
C PHE A 327 13.79 22.90 14.27
N HIS A 328 14.95 23.51 14.53
CA HIS A 328 15.78 24.04 13.45
C HIS A 328 16.52 22.92 12.71
N ALA A 329 16.95 21.89 13.42
CA ALA A 329 17.72 20.82 12.80
C ALA A 329 16.94 20.14 11.67
N VAL A 330 15.68 19.81 11.92
CA VAL A 330 14.88 19.10 10.92
C VAL A 330 14.58 19.99 9.71
N LYS A 331 14.34 21.28 9.94
CA LYS A 331 14.16 22.23 8.86
C LYS A 331 15.37 22.25 7.94
N ASP A 332 16.57 22.33 8.52
CA ASP A 332 17.77 22.31 7.71
C ASP A 332 17.92 20.99 6.95
N THR A 333 17.56 19.88 7.58
CA THR A 333 17.63 18.59 6.89
C THR A 333 16.76 18.60 5.63
N ILE A 334 15.52 19.07 5.78
CA ILE A 334 14.62 19.01 4.63
C ILE A 334 15.04 20.00 3.53
N LEU A 335 15.57 21.17 3.88
CA LEU A 335 16.19 21.99 2.83
C LEU A 335 17.34 21.26 2.15
N GLN A 336 18.16 20.57 2.93
CA GLN A 336 19.28 19.84 2.33
C GLN A 336 18.80 18.79 1.34
N GLU A 337 17.64 18.19 1.60
CA GLU A 337 17.12 17.19 0.66
C GLU A 337 16.49 17.83 -0.57
N ASN A 338 15.91 19.02 -0.44
CA ASN A 338 15.21 19.65 -1.57
C ASN A 338 16.15 20.25 -2.59
N LEU A 339 17.41 20.50 -2.24
CA LEU A 339 18.36 21.11 -3.14
C LEU A 339 19.08 20.09 -4.00
N LYS A 340 18.76 18.81 -3.86
CA LYS A 340 19.28 17.78 -4.74
C LYS A 340 18.45 17.63 -6.01
N ASP A 341 17.17 18.00 -5.97
CA ASP A 341 16.34 18.04 -7.17
C ASP A 341 16.46 19.35 -7.94
N ILE A 342 17.11 20.36 -7.36
CA ILE A 342 17.32 21.64 -8.01
C ILE A 342 18.81 21.84 -8.31
N MET A 343 19.63 20.82 -8.03
CA MET A 343 21.05 20.79 -8.41
C MET A 343 21.80 22.02 -7.90
N LEU A 344 21.89 22.08 -6.57
CA LEU A 344 22.76 23.01 -5.84
C LEU A 344 23.85 23.68 -6.66
N GLU B 8 31.87 -33.00 38.68
CA GLU B 8 30.80 -33.68 37.97
C GLU B 8 30.46 -32.95 36.67
N LEU B 9 30.56 -31.61 36.72
CA LEU B 9 30.26 -30.81 35.54
C LEU B 9 31.22 -31.11 34.40
N ASP B 10 32.51 -31.25 34.72
CA ASP B 10 33.48 -31.61 33.68
C ASP B 10 33.22 -33.00 33.14
N GLN B 11 32.81 -33.93 34.01
CA GLN B 11 32.44 -35.27 33.55
C GLN B 11 31.23 -35.21 32.62
N LEU B 12 30.25 -34.38 32.94
CA LEU B 12 29.10 -34.21 32.06
C LEU B 12 29.50 -33.60 30.73
N ARG B 13 30.45 -32.66 30.75
CA ARG B 13 30.94 -32.08 29.50
C ARG B 13 31.65 -33.13 28.65
N GLN B 14 32.45 -34.00 29.28
CA GLN B 14 33.09 -35.08 28.55
C GLN B 14 32.06 -36.03 27.96
N GLU B 15 31.00 -36.33 28.72
CA GLU B 15 29.93 -37.17 28.20
C GLU B 15 29.24 -36.49 27.02
N ALA B 16 29.06 -35.18 27.09
CA ALA B 16 28.46 -34.44 25.98
C ALA B 16 29.34 -34.49 24.74
N GLU B 17 30.65 -34.38 24.92
CA GLU B 17 31.57 -34.51 23.78
C GLU B 17 31.49 -35.90 23.17
N GLN B 18 31.43 -36.93 24.01
CA GLN B 18 31.27 -38.29 23.50
C GLN B 18 29.96 -38.44 22.74
N LEU B 19 28.89 -37.85 23.26
CA LEU B 19 27.59 -37.92 22.58
C LEU B 19 27.63 -37.19 21.24
N LYS B 20 28.33 -36.06 21.18
CA LYS B 20 28.48 -35.34 19.92
C LYS B 20 29.25 -36.17 18.91
N ASN B 21 30.31 -36.86 19.35
CA ASN B 21 31.02 -37.76 18.47
C ASN B 21 30.13 -38.89 17.98
N GLN B 22 29.30 -39.43 18.88
CA GLN B 22 28.32 -40.45 18.49
C GLN B 22 27.41 -39.93 17.39
N ILE B 23 26.88 -38.71 17.58
CA ILE B 23 25.96 -38.13 16.61
C ILE B 23 26.64 -37.94 15.26
N ARG B 24 27.87 -37.43 15.29
CA ARG B 24 28.61 -37.20 14.04
C ARG B 24 28.86 -38.50 13.30
N ASP B 25 29.28 -39.55 14.02
CA ASP B 25 29.54 -40.84 13.38
C ASP B 25 28.27 -41.44 12.82
N ALA B 26 27.17 -41.38 13.58
CA ALA B 26 25.91 -41.91 13.10
C ALA B 26 25.45 -41.18 11.84
N ARG B 27 25.60 -39.86 11.83
CA ARG B 27 25.23 -39.09 10.64
C ARG B 27 26.12 -39.45 9.46
N LYS B 28 27.41 -39.66 9.70
CA LYS B 28 28.31 -40.02 8.61
C LYS B 28 27.99 -41.40 8.04
N ALA B 29 27.49 -42.30 8.87
CA ALA B 29 27.16 -43.65 8.41
C ALA B 29 25.93 -43.70 7.52
N CYS B 30 25.29 -42.57 7.23
CA CYS B 30 24.02 -42.56 6.51
C CYS B 30 24.16 -42.44 5.00
N ALA B 31 25.14 -41.67 4.52
CA ALA B 31 25.19 -41.27 3.11
C ALA B 31 25.89 -42.30 2.24
N ASP B 32 25.15 -42.91 1.32
CA ASP B 32 25.73 -43.78 0.30
C ASP B 32 25.61 -43.21 -1.10
N ALA B 33 24.45 -42.65 -1.44
CA ALA B 33 24.23 -42.01 -2.73
C ALA B 33 23.98 -40.52 -2.50
N THR B 34 24.82 -39.69 -3.09
CA THR B 34 24.61 -38.24 -3.08
C THR B 34 23.63 -37.88 -4.20
N LEU B 35 22.81 -36.86 -3.95
CA LEU B 35 21.78 -36.50 -4.91
C LEU B 35 22.35 -35.93 -6.21
N SER B 36 23.58 -35.46 -6.21
CA SER B 36 24.17 -34.96 -7.44
C SER B 36 24.42 -36.07 -8.45
N GLN B 37 24.46 -37.33 -8.02
CA GLN B 37 24.69 -38.46 -8.90
C GLN B 37 23.42 -39.19 -9.29
N ILE B 38 22.25 -38.67 -8.92
CA ILE B 38 20.97 -39.25 -9.32
C ILE B 38 20.10 -38.24 -10.06
N THR B 39 19.98 -37.02 -9.53
CA THR B 39 19.17 -36.00 -10.18
C THR B 39 19.80 -35.43 -11.45
N ASN B 40 21.06 -35.77 -11.73
CA ASN B 40 21.73 -35.23 -12.91
C ASN B 40 21.17 -35.79 -14.21
N ASN B 41 20.51 -36.94 -14.18
CA ASN B 41 20.04 -37.60 -15.39
C ASN B 41 18.59 -37.29 -15.71
N ILE B 42 17.93 -36.44 -14.93
CA ILE B 42 16.56 -36.07 -15.20
C ILE B 42 16.53 -34.99 -16.26
N ASP B 43 15.36 -34.77 -16.84
CA ASP B 43 15.22 -33.78 -17.90
C ASP B 43 15.30 -32.38 -17.33
N PRO B 44 16.24 -31.54 -17.76
CA PRO B 44 16.28 -30.16 -17.27
C PRO B 44 15.00 -29.41 -17.61
N VAL B 45 14.55 -28.58 -16.69
CA VAL B 45 13.30 -27.86 -16.89
C VAL B 45 13.46 -26.81 -17.98
N GLY B 46 14.61 -26.17 -18.06
CA GLY B 46 14.91 -25.25 -19.14
C GLY B 46 14.68 -23.80 -18.74
N ARG B 47 13.82 -23.11 -19.47
CA ARG B 47 13.53 -21.71 -19.25
C ARG B 47 12.12 -21.56 -18.71
N ILE B 48 11.98 -20.81 -17.62
CA ILE B 48 10.68 -20.47 -17.06
C ILE B 48 10.63 -18.95 -16.88
N GLN B 49 9.53 -18.34 -17.28
CA GLN B 49 9.34 -16.91 -17.11
C GLN B 49 7.86 -16.60 -17.24
N MET B 50 7.36 -15.75 -16.34
CA MET B 50 5.95 -15.38 -16.33
C MET B 50 5.84 -13.89 -16.10
N ARG B 51 4.65 -13.36 -16.38
CA ARG B 51 4.43 -11.93 -16.42
C ARG B 51 3.32 -11.53 -15.47
N THR B 52 3.37 -10.28 -15.04
CA THR B 52 2.36 -9.77 -14.12
C THR B 52 1.00 -9.77 -14.78
N ARG B 53 0.03 -10.43 -14.15
CA ARG B 53 -1.34 -10.38 -14.62
C ARG B 53 -2.14 -9.28 -13.95
N ARG B 54 -2.23 -9.30 -12.64
CA ARG B 54 -2.88 -8.25 -11.86
C ARG B 54 -1.84 -7.57 -11.00
N THR B 55 -1.93 -6.25 -10.90
CA THR B 55 -1.11 -5.48 -9.97
C THR B 55 -2.01 -4.83 -8.93
N LEU B 56 -1.69 -5.03 -7.66
CA LEU B 56 -2.52 -4.62 -6.55
C LEU B 56 -1.82 -3.47 -5.83
N ARG B 57 -2.44 -2.30 -5.83
CA ARG B 57 -1.90 -1.12 -5.21
C ARG B 57 -2.84 -0.59 -4.14
N GLY B 58 -2.29 0.23 -3.26
CA GLY B 58 -3.10 0.85 -2.22
C GLY B 58 -2.41 0.99 -0.88
N HIS B 59 -1.43 0.15 -0.59
CA HIS B 59 -0.69 0.27 0.65
C HIS B 59 0.11 1.57 0.68
N LEU B 60 0.27 2.14 1.88
CA LEU B 60 0.87 3.45 2.06
C LEU B 60 2.34 3.40 2.42
N ALA B 61 2.90 2.20 2.63
CA ALA B 61 4.28 2.05 3.08
C ALA B 61 4.74 0.64 2.71
N LYS B 62 5.81 0.18 3.36
CA LYS B 62 6.37 -1.12 3.05
C LYS B 62 5.42 -2.25 3.47
N ILE B 63 5.67 -3.44 2.91
CA ILE B 63 4.82 -4.61 3.07
C ILE B 63 5.62 -5.68 3.80
N TYR B 64 5.02 -6.29 4.84
CA TYR B 64 5.78 -7.22 5.67
C TYR B 64 5.34 -8.68 5.58
N ALA B 65 4.09 -8.97 5.25
CA ALA B 65 3.66 -10.36 5.17
C ALA B 65 2.40 -10.48 4.33
N MET B 66 2.09 -11.72 3.94
CA MET B 66 0.88 -12.04 3.21
C MET B 66 0.61 -13.54 3.35
N HIS B 67 -0.61 -13.95 3.02
CA HIS B 67 -1.00 -15.35 3.19
C HIS B 67 -2.20 -15.64 2.30
N TRP B 68 -2.11 -16.71 1.50
CA TRP B 68 -3.21 -17.11 0.63
C TRP B 68 -4.34 -17.73 1.44
N GLY B 69 -5.53 -17.70 0.86
CA GLY B 69 -6.70 -18.28 1.48
C GLY B 69 -6.80 -19.77 1.24
N THR B 70 -7.87 -20.36 1.77
CA THR B 70 -8.10 -21.80 1.64
C THR B 70 -8.76 -22.15 0.31
N ASP B 71 -9.45 -21.21 -0.31
CA ASP B 71 -10.06 -21.42 -1.61
C ASP B 71 -9.17 -20.93 -2.74
N SER B 72 -7.96 -20.47 -2.44
CA SER B 72 -7.01 -19.97 -3.43
C SER B 72 -7.55 -18.75 -4.18
N ARG B 73 -8.35 -17.91 -3.51
CA ARG B 73 -8.88 -16.73 -4.18
C ARG B 73 -8.85 -15.45 -3.35
N LEU B 74 -8.81 -15.52 -2.01
CA LEU B 74 -8.76 -14.30 -1.21
C LEU B 74 -7.38 -14.12 -0.61
N LEU B 75 -7.09 -12.89 -0.15
CA LEU B 75 -5.72 -12.58 0.25
C LEU B 75 -5.70 -11.57 1.40
N VAL B 76 -4.84 -11.81 2.38
CA VAL B 76 -4.62 -10.88 3.50
C VAL B 76 -3.23 -10.27 3.35
N SER B 77 -3.09 -9.01 3.74
CA SER B 77 -1.78 -8.37 3.67
C SER B 77 -1.61 -7.37 4.80
N ALA B 78 -0.38 -7.31 5.34
CA ALA B 78 -0.03 -6.50 6.49
C ALA B 78 1.08 -5.52 6.16
N SER B 79 0.87 -4.24 6.47
CA SER B 79 1.88 -3.25 6.12
C SER B 79 2.34 -2.47 7.34
N GLN B 80 3.39 -1.66 7.13
CA GLN B 80 4.01 -0.92 8.21
C GLN B 80 3.20 0.28 8.65
N ASP B 81 2.25 0.73 7.84
CA ASP B 81 1.44 1.89 8.21
C ASP B 81 0.39 1.56 9.26
N GLY B 82 0.19 0.28 9.57
CA GLY B 82 -0.83 -0.13 10.49
C GLY B 82 -2.12 -0.62 9.86
N LYS B 83 -2.07 -1.11 8.62
CA LYS B 83 -3.25 -1.58 7.92
C LYS B 83 -3.13 -3.06 7.59
N LEU B 84 -4.29 -3.72 7.58
CA LEU B 84 -4.44 -5.12 7.18
C LEU B 84 -5.56 -5.18 6.16
N ILE B 85 -5.22 -5.44 4.90
CA ILE B 85 -6.17 -5.37 3.80
C ILE B 85 -6.48 -6.77 3.29
N ILE B 86 -7.76 -7.03 3.03
CA ILE B 86 -8.23 -8.28 2.44
C ILE B 86 -8.68 -7.99 1.00
N TRP B 87 -7.96 -8.59 0.05
CA TRP B 87 -8.12 -8.45 -1.40
C TRP B 87 -8.84 -9.65 -1.99
N ASP B 88 -9.45 -9.40 -3.14
CA ASP B 88 -9.94 -10.42 -4.06
C ASP B 88 -9.00 -10.45 -5.25
N SER B 89 -8.29 -11.56 -5.45
CA SER B 89 -7.21 -11.61 -6.42
C SER B 89 -7.69 -11.74 -7.86
N TYR B 90 -9.00 -11.89 -8.09
CA TYR B 90 -9.52 -12.05 -9.44
C TYR B 90 -9.82 -10.70 -10.09
N THR B 91 -10.68 -9.91 -9.46
CA THR B 91 -11.16 -8.66 -10.04
C THR B 91 -10.45 -7.43 -9.48
N THR B 92 -9.35 -7.62 -8.76
CA THR B 92 -8.62 -6.52 -8.11
C THR B 92 -9.60 -5.67 -7.30
N ASN B 93 -10.37 -6.34 -6.47
CA ASN B 93 -11.34 -5.71 -5.59
C ASN B 93 -10.82 -5.71 -4.15
N LYS B 94 -11.21 -4.70 -3.40
CA LYS B 94 -10.89 -4.62 -1.99
C LYS B 94 -12.12 -5.06 -1.18
N VAL B 95 -11.97 -6.12 -0.42
CA VAL B 95 -13.08 -6.64 0.38
C VAL B 95 -13.07 -6.06 1.78
N HIS B 96 -11.90 -5.98 2.43
CA HIS B 96 -11.87 -5.47 3.80
C HIS B 96 -10.63 -4.62 4.03
N ALA B 97 -10.75 -3.66 4.95
CA ALA B 97 -9.63 -2.86 5.42
C ALA B 97 -9.72 -2.73 6.93
N ILE B 98 -8.76 -3.30 7.65
CA ILE B 98 -8.79 -3.37 9.11
C ILE B 98 -7.66 -2.51 9.65
N PRO B 99 -7.95 -1.57 10.55
CA PRO B 99 -6.90 -0.82 11.23
C PRO B 99 -6.49 -1.47 12.54
N LEU B 100 -5.22 -1.26 12.90
CA LEU B 100 -4.61 -1.90 14.04
C LEU B 100 -4.36 -0.89 15.15
N ARG B 101 -3.95 -1.41 16.31
CA ARG B 101 -3.64 -0.58 17.47
C ARG B 101 -2.15 -0.29 17.61
N SER B 102 -1.30 -1.19 17.14
CA SER B 102 0.14 -0.98 17.11
C SER B 102 0.62 -0.88 15.67
N SER B 103 1.48 0.09 15.40
CA SER B 103 1.95 0.34 14.05
C SER B 103 3.13 -0.55 13.65
N TRP B 104 3.71 -1.27 14.59
CA TRP B 104 4.89 -2.10 14.34
C TRP B 104 4.42 -3.54 14.20
N VAL B 105 4.25 -3.98 12.95
CA VAL B 105 3.66 -5.27 12.63
C VAL B 105 4.68 -6.09 11.86
N MET B 106 4.70 -7.40 12.11
CA MET B 106 5.68 -8.25 11.45
C MET B 106 5.14 -9.59 10.94
N THR B 107 3.86 -9.90 11.10
CA THR B 107 3.35 -11.19 10.64
C THR B 107 1.84 -11.12 10.45
N CYS B 108 1.30 -12.11 9.75
CA CYS B 108 -0.13 -12.25 9.51
C CYS B 108 -0.44 -13.72 9.23
N ALA B 109 -1.72 -14.07 9.36
CA ALA B 109 -2.17 -15.43 9.07
C ALA B 109 -3.64 -15.41 8.68
N TYR B 110 -4.09 -16.47 8.02
CA TYR B 110 -5.46 -16.58 7.52
C TYR B 110 -5.99 -17.93 7.95
N ALA B 111 -7.12 -17.95 8.66
CA ALA B 111 -7.59 -19.19 9.28
C ALA B 111 -8.15 -20.15 8.23
N PRO B 112 -7.97 -21.46 8.42
CA PRO B 112 -8.40 -22.41 7.38
C PRO B 112 -9.89 -22.38 7.10
N SER B 113 -10.72 -22.19 8.12
CA SER B 113 -12.16 -22.13 7.92
C SER B 113 -12.64 -20.81 7.34
N GLY B 114 -11.80 -19.78 7.36
CA GLY B 114 -12.16 -18.50 6.79
C GLY B 114 -12.90 -17.56 7.71
N ASN B 115 -12.80 -17.75 9.02
CA ASN B 115 -13.51 -16.90 9.96
C ASN B 115 -12.62 -15.92 10.70
N TYR B 116 -11.33 -16.22 10.88
CA TYR B 116 -10.46 -15.42 11.72
C TYR B 116 -9.16 -15.08 11.00
N VAL B 117 -8.59 -13.93 11.39
CA VAL B 117 -7.22 -13.58 11.02
C VAL B 117 -6.41 -13.33 12.30
N ALA B 118 -5.09 -13.27 12.15
CA ALA B 118 -4.19 -13.07 13.28
C ALA B 118 -3.10 -12.08 12.91
N CYS B 119 -2.57 -11.38 13.91
CA CYS B 119 -1.46 -10.45 13.68
C CYS B 119 -0.61 -10.31 14.93
N GLY B 120 0.63 -9.83 14.72
CA GLY B 120 1.60 -9.63 15.78
C GLY B 120 2.71 -8.69 15.34
N GLY B 121 3.51 -8.26 16.33
CA GLY B 121 4.59 -7.31 16.07
C GLY B 121 5.55 -7.06 17.22
N LEU B 122 5.91 -5.80 17.46
CA LEU B 122 6.89 -5.42 18.48
C LEU B 122 6.26 -5.17 19.84
N ASP B 123 4.95 -5.31 19.99
CA ASP B 123 4.30 -5.11 21.27
C ASP B 123 4.15 -6.40 22.07
N ASN B 124 4.68 -7.51 21.56
CA ASN B 124 4.70 -8.80 22.26
C ASN B 124 3.30 -9.35 22.54
N ILE B 125 2.33 -9.01 21.70
CA ILE B 125 0.95 -9.46 21.84
C ILE B 125 0.46 -9.99 20.49
N CYS B 126 -0.32 -11.06 20.52
CA CYS B 126 -0.91 -11.64 19.32
C CYS B 126 -2.41 -11.41 19.33
N SER B 127 -2.93 -10.79 18.28
CA SER B 127 -4.34 -10.42 18.22
C SER B 127 -5.07 -11.27 17.20
N ILE B 128 -6.28 -11.71 17.55
CA ILE B 128 -7.08 -12.63 16.74
C ILE B 128 -8.43 -11.99 16.48
N TYR B 129 -8.77 -11.85 15.19
CA TYR B 129 -9.91 -11.08 14.67
C TYR B 129 -10.96 -12.04 14.10
N ASN B 130 -12.22 -11.63 14.22
CA ASN B 130 -13.38 -12.37 13.71
C ASN B 130 -13.89 -11.69 12.45
N LEU B 131 -13.98 -12.44 11.36
CA LEU B 131 -14.36 -11.88 10.07
C LEU B 131 -15.86 -11.97 9.78
N LYS B 132 -16.58 -12.86 10.45
CA LYS B 132 -18.01 -13.07 10.23
C LYS B 132 -18.76 -12.70 11.51
N THR B 133 -19.49 -11.59 11.47
CA THR B 133 -20.27 -11.12 12.61
C THR B 133 -21.65 -10.70 12.14
N ARG B 134 -22.60 -10.69 13.08
CA ARG B 134 -23.97 -10.31 12.77
C ARG B 134 -24.12 -8.80 12.60
N GLU B 135 -23.36 -8.00 13.35
CA GLU B 135 -23.48 -6.55 13.25
C GLU B 135 -22.89 -5.98 11.98
N GLY B 136 -21.88 -6.62 11.40
CA GLY B 136 -21.41 -6.29 10.07
C GLY B 136 -20.00 -5.75 9.96
N ASN B 137 -19.24 -5.68 11.05
CA ASN B 137 -17.88 -5.16 11.01
C ASN B 137 -16.92 -6.14 11.66
N VAL B 138 -15.65 -6.04 11.28
CA VAL B 138 -14.61 -6.92 11.82
C VAL B 138 -14.18 -6.39 13.17
N ARG B 139 -14.28 -7.24 14.19
CA ARG B 139 -13.94 -6.87 15.56
C ARG B 139 -12.96 -7.87 16.14
N VAL B 140 -12.16 -7.40 17.10
CA VAL B 140 -11.13 -8.23 17.71
C VAL B 140 -11.78 -9.17 18.72
N SER B 141 -11.39 -10.43 18.66
CA SER B 141 -11.94 -11.45 19.53
C SER B 141 -11.01 -11.81 20.69
N ARG B 142 -9.71 -11.96 20.43
CA ARG B 142 -8.80 -12.29 21.52
C ARG B 142 -7.50 -11.51 21.41
N GLU B 143 -6.88 -11.31 22.58
CA GLU B 143 -5.64 -10.53 22.72
C GLU B 143 -4.72 -11.33 23.63
N LEU B 144 -3.89 -12.19 23.03
CA LEU B 144 -3.09 -13.15 23.76
C LEU B 144 -1.74 -12.54 24.11
N ALA B 145 -1.32 -12.70 25.36
CA ALA B 145 -0.11 -12.06 25.87
C ALA B 145 0.58 -12.96 26.87
N GLY B 146 1.88 -12.74 27.06
CA GLY B 146 2.69 -13.55 27.95
C GLY B 146 4.12 -13.75 27.53
N HIS B 147 4.48 -13.31 26.32
CA HIS B 147 5.86 -13.38 25.88
C HIS B 147 6.64 -12.20 26.45
N THR B 148 7.95 -12.20 26.20
CA THR B 148 8.83 -11.12 26.63
C THR B 148 9.45 -10.30 25.51
N GLY B 149 9.86 -10.93 24.42
CA GLY B 149 10.29 -10.23 23.23
C GLY B 149 9.23 -10.22 22.14
N TYR B 150 9.62 -9.70 20.99
CA TYR B 150 8.71 -9.54 19.86
C TYR B 150 8.42 -10.89 19.21
N LEU B 151 7.29 -10.95 18.51
CA LEU B 151 6.88 -12.15 17.80
C LEU B 151 7.45 -12.15 16.39
N SER B 152 7.61 -13.34 15.83
CA SER B 152 8.08 -13.49 14.47
C SER B 152 7.07 -14.15 13.54
N CYS B 153 6.35 -15.16 14.00
CA CYS B 153 5.44 -15.90 13.14
C CYS B 153 4.34 -16.54 13.97
N CYS B 154 3.14 -16.60 13.39
CA CYS B 154 1.99 -17.27 14.01
C CYS B 154 1.20 -18.02 12.95
N ARG B 155 0.73 -19.22 13.31
CA ARG B 155 0.15 -20.15 12.34
C ARG B 155 -0.95 -20.97 13.00
N PHE B 156 -2.19 -20.79 12.55
CA PHE B 156 -3.33 -21.55 13.07
C PHE B 156 -3.16 -23.03 12.79
N LEU B 157 -3.85 -23.85 13.59
CA LEU B 157 -4.05 -25.27 13.31
C LEU B 157 -5.52 -25.61 13.13
N ASP B 158 -6.34 -25.29 14.14
CA ASP B 158 -7.79 -25.31 14.02
C ASP B 158 -8.31 -23.95 14.47
N ASP B 159 -9.62 -23.82 14.63
CA ASP B 159 -10.17 -22.53 15.02
C ASP B 159 -10.04 -22.25 16.51
N ASN B 160 -9.39 -23.14 17.27
CA ASN B 160 -9.28 -22.99 18.71
C ASN B 160 -7.88 -23.31 19.22
N GLN B 161 -6.87 -23.29 18.35
CA GLN B 161 -5.49 -23.49 18.78
C GLN B 161 -4.56 -22.70 17.87
N ILE B 162 -3.62 -21.97 18.48
CA ILE B 162 -2.69 -21.13 17.74
C ILE B 162 -1.28 -21.35 18.28
N VAL B 163 -0.28 -21.03 17.45
CA VAL B 163 1.13 -21.21 17.78
C VAL B 163 1.87 -19.90 17.58
N THR B 164 2.75 -19.56 18.52
CA THR B 164 3.55 -18.34 18.42
C THR B 164 5.02 -18.64 18.67
N SER B 165 5.88 -17.83 18.04
CA SER B 165 7.32 -17.90 18.21
C SER B 165 7.86 -16.51 18.48
N SER B 166 8.73 -16.38 19.49
CA SER B 166 9.25 -15.09 19.89
C SER B 166 10.75 -15.14 20.09
N GLY B 167 11.41 -14.05 19.71
CA GLY B 167 12.85 -13.91 19.75
C GLY B 167 13.45 -13.66 21.11
N ASP B 168 12.85 -14.27 22.12
CA ASP B 168 13.51 -14.48 23.40
C ASP B 168 13.86 -15.94 23.59
N THR B 169 14.02 -16.66 22.46
CA THR B 169 14.29 -18.10 22.41
C THR B 169 13.08 -18.93 22.83
N THR B 170 11.87 -18.49 22.47
CA THR B 170 10.69 -19.14 23.02
C THR B 170 9.67 -19.48 21.94
N CYS B 171 8.95 -20.60 22.12
CA CYS B 171 7.79 -20.92 21.31
C CYS B 171 6.66 -21.40 22.23
N ALA B 172 5.42 -21.28 21.76
CA ALA B 172 4.29 -21.55 22.64
C ALA B 172 3.06 -22.00 21.85
N LEU B 173 2.22 -22.81 22.51
CA LEU B 173 0.95 -23.27 21.95
C LEU B 173 -0.20 -22.80 22.83
N TRP B 174 -1.07 -21.99 22.27
CA TRP B 174 -2.16 -21.35 23.00
C TRP B 174 -3.50 -21.94 22.62
N ASP B 175 -4.36 -22.11 23.63
CA ASP B 175 -5.74 -22.52 23.45
C ASP B 175 -6.62 -21.27 23.53
N ILE B 176 -7.25 -20.92 22.41
CA ILE B 176 -7.80 -19.57 22.25
C ILE B 176 -8.83 -19.38 23.35
N GLU B 177 -9.87 -20.22 23.37
CA GLU B 177 -11.06 -19.96 24.19
C GLU B 177 -10.69 -19.78 25.66
N THR B 178 -9.85 -20.66 26.18
CA THR B 178 -9.39 -20.53 27.58
C THR B 178 -8.52 -19.29 27.74
N GLY B 179 -7.51 -19.15 26.88
CA GLY B 179 -6.62 -18.00 26.91
C GLY B 179 -5.28 -18.22 27.56
N GLN B 180 -4.88 -19.46 27.81
CA GLN B 180 -3.65 -19.77 28.54
C GLN B 180 -2.68 -20.52 27.65
N GLN B 181 -1.47 -20.69 28.15
CA GLN B 181 -0.44 -21.45 27.47
C GLN B 181 -0.57 -22.92 27.84
N THR B 182 -0.97 -23.75 26.88
CA THR B 182 -1.02 -25.18 27.11
C THR B 182 0.37 -25.81 27.11
N THR B 183 1.31 -25.26 26.34
CA THR B 183 2.66 -25.80 26.32
C THR B 183 3.63 -24.70 25.90
N THR B 184 4.83 -24.73 26.50
CA THR B 184 5.92 -23.82 26.17
C THR B 184 7.13 -24.63 25.73
N PHE B 185 7.72 -24.26 24.60
CA PHE B 185 8.87 -24.93 24.02
C PHE B 185 10.09 -24.05 24.18
N THR B 186 11.13 -24.59 24.83
CA THR B 186 12.37 -23.89 25.12
C THR B 186 13.55 -24.80 24.78
N GLY B 187 14.72 -24.16 24.56
CA GLY B 187 15.90 -24.91 24.20
C GLY B 187 16.85 -24.21 23.25
N HIS B 188 16.44 -23.05 22.72
CA HIS B 188 17.29 -22.28 21.82
C HIS B 188 18.22 -21.37 22.61
N THR B 189 19.12 -20.68 21.89
CA THR B 189 20.03 -19.70 22.49
C THR B 189 19.82 -18.30 21.95
N GLY B 190 19.64 -18.15 20.64
CA GLY B 190 19.33 -16.86 20.04
C GLY B 190 17.85 -16.74 19.69
N ASP B 191 17.54 -15.68 18.96
CA ASP B 191 16.16 -15.40 18.61
C ASP B 191 15.59 -16.50 17.71
N VAL B 192 14.31 -16.35 17.36
CA VAL B 192 13.61 -17.27 16.48
C VAL B 192 12.94 -16.45 15.38
N MET B 193 13.10 -16.88 14.14
CA MET B 193 12.70 -16.10 12.97
C MET B 193 11.55 -16.71 12.16
N SER B 194 11.51 -18.03 11.97
CA SER B 194 10.50 -18.61 11.11
C SER B 194 10.13 -20.01 11.57
N LEU B 195 8.87 -20.40 11.31
CA LEU B 195 8.37 -21.74 11.60
C LEU B 195 7.35 -22.14 10.55
N SER B 196 7.25 -23.45 10.32
CA SER B 196 6.29 -24.01 9.37
C SER B 196 5.65 -25.27 9.93
N LEU B 197 4.37 -25.44 9.62
CA LEU B 197 3.52 -26.51 10.09
C LEU B 197 3.41 -27.62 9.05
N ALA B 198 3.08 -28.80 9.52
CA ALA B 198 3.04 -29.98 8.67
C ALA B 198 1.69 -30.14 8.00
N PRO B 199 1.64 -30.80 6.84
CA PRO B 199 0.34 -31.07 6.21
C PRO B 199 -0.61 -31.86 7.08
N ASP B 200 -0.12 -32.85 7.84
CA ASP B 200 -0.99 -33.59 8.74
C ASP B 200 -1.26 -32.86 10.04
N THR B 201 -0.51 -31.79 10.31
CA THR B 201 -0.70 -30.93 11.48
C THR B 201 -0.53 -31.69 12.81
N ARG B 202 0.66 -32.30 12.94
CA ARG B 202 1.05 -32.95 14.18
C ARG B 202 2.44 -32.56 14.66
N LEU B 203 3.28 -32.00 13.79
CA LEU B 203 4.62 -31.57 14.15
C LEU B 203 4.87 -30.21 13.51
N PHE B 204 5.93 -29.53 13.94
CA PHE B 204 6.30 -28.31 13.24
C PHE B 204 7.78 -27.99 13.44
N VAL B 205 8.33 -27.22 12.50
CA VAL B 205 9.76 -26.92 12.47
C VAL B 205 9.97 -25.42 12.63
N SER B 206 11.08 -25.05 13.25
CA SER B 206 11.44 -23.65 13.37
C SER B 206 12.95 -23.46 13.28
N GLY B 207 13.35 -22.36 12.66
CA GLY B 207 14.76 -22.01 12.54
C GLY B 207 14.97 -20.84 13.46
N ALA B 208 16.15 -20.72 14.07
CA ALA B 208 16.26 -19.80 15.19
C ALA B 208 17.55 -18.99 15.29
N CYS B 209 18.03 -18.46 14.17
CA CYS B 209 18.98 -17.36 14.22
C CYS B 209 20.28 -17.76 14.91
N ASP B 210 20.67 -19.03 14.80
CA ASP B 210 21.99 -19.47 15.24
C ASP B 210 22.48 -20.64 14.41
N ALA B 211 22.06 -20.70 13.14
CA ALA B 211 22.43 -21.78 12.23
C ALA B 211 22.02 -23.15 12.76
N SER B 212 20.94 -23.19 13.53
CA SER B 212 20.39 -24.44 14.04
C SER B 212 18.88 -24.42 13.90
N ALA B 213 18.32 -25.55 13.48
CA ALA B 213 16.89 -25.66 13.26
C ALA B 213 16.36 -26.88 14.01
N LYS B 214 15.07 -26.83 14.36
CA LYS B 214 14.52 -27.82 15.28
C LYS B 214 13.15 -28.29 14.85
N LEU B 215 12.92 -29.58 14.98
CA LEU B 215 11.60 -30.21 14.78
C LEU B 215 11.02 -30.58 16.13
N TRP B 216 9.77 -30.13 16.37
CA TRP B 216 9.03 -30.32 17.60
C TRP B 216 7.73 -31.04 17.35
N ASP B 217 7.27 -31.76 18.39
CA ASP B 217 5.96 -32.38 18.41
C ASP B 217 5.08 -31.71 19.47
N VAL B 218 3.80 -31.56 19.15
CA VAL B 218 2.92 -30.72 19.96
C VAL B 218 2.13 -31.56 20.97
N ARG B 219 1.69 -32.76 20.59
CA ARG B 219 0.91 -33.59 21.50
C ARG B 219 1.73 -33.99 22.72
N GLU B 220 3.00 -34.34 22.52
CA GLU B 220 3.85 -34.68 23.66
C GLU B 220 4.37 -33.43 24.36
N GLY B 221 5.18 -32.64 23.66
CA GLY B 221 5.71 -31.40 24.20
C GLY B 221 7.22 -31.30 24.23
N MET B 222 7.96 -32.29 23.76
CA MET B 222 9.41 -32.27 23.80
C MET B 222 9.99 -31.78 22.48
N CYS B 223 11.29 -31.48 22.51
CA CYS B 223 12.05 -31.11 21.32
C CYS B 223 12.67 -32.37 20.75
N ARG B 224 12.29 -32.74 19.54
CA ARG B 224 12.75 -34.02 19.01
C ARG B 224 14.08 -33.91 18.27
N GLN B 225 14.14 -33.09 17.21
CA GLN B 225 15.30 -33.17 16.33
C GLN B 225 15.97 -31.83 16.13
N THR B 226 17.29 -31.87 15.93
CA THR B 226 18.09 -30.69 15.68
C THR B 226 18.95 -30.88 14.43
N PHE B 227 19.18 -29.77 13.71
CA PHE B 227 20.00 -29.77 12.50
C PHE B 227 20.89 -28.53 12.50
N THR B 228 22.11 -28.70 12.02
CA THR B 228 23.08 -27.61 11.85
C THR B 228 23.54 -27.55 10.40
N GLY B 229 24.48 -26.65 10.12
CA GLY B 229 25.04 -26.56 8.79
C GLY B 229 25.36 -25.17 8.26
N HIS B 230 24.72 -24.14 8.79
CA HIS B 230 24.92 -22.80 8.26
C HIS B 230 25.98 -22.05 9.04
N GLU B 231 26.36 -20.87 8.52
CA GLU B 231 27.39 -20.04 9.13
C GLU B 231 26.85 -18.76 9.75
N SER B 232 25.57 -18.47 9.58
CA SER B 232 24.96 -17.32 10.23
C SER B 232 23.50 -17.63 10.46
N ASP B 233 22.70 -16.60 10.73
CA ASP B 233 21.34 -16.79 11.16
C ASP B 233 20.43 -17.21 10.00
N ILE B 234 19.25 -17.71 10.37
CA ILE B 234 18.29 -18.29 9.43
C ILE B 234 17.09 -17.37 9.31
N ASN B 235 16.61 -17.17 8.07
CA ASN B 235 15.59 -16.17 7.79
C ASN B 235 14.26 -16.73 7.28
N ALA B 236 14.22 -17.95 6.79
CA ALA B 236 12.97 -18.51 6.27
C ALA B 236 13.06 -20.03 6.33
N ILE B 237 11.89 -20.65 6.46
CA ILE B 237 11.80 -22.11 6.56
C ILE B 237 10.45 -22.52 5.99
N CYS B 238 10.42 -23.67 5.32
CA CYS B 238 9.15 -24.10 4.77
C CYS B 238 9.15 -25.60 4.54
N PHE B 239 7.96 -26.19 4.58
CA PHE B 239 7.76 -27.62 4.40
C PHE B 239 7.54 -27.99 2.94
N PHE B 240 8.20 -29.06 2.52
CA PHE B 240 7.90 -29.72 1.26
C PHE B 240 6.47 -30.27 1.39
N PRO B 241 5.77 -30.48 0.28
CA PRO B 241 4.37 -30.91 0.40
C PRO B 241 4.16 -32.40 0.66
N ASN B 242 4.88 -32.98 1.61
CA ASN B 242 4.52 -34.29 2.12
C ASN B 242 4.79 -34.50 3.60
N GLY B 243 5.41 -33.53 4.29
CA GLY B 243 5.62 -33.64 5.72
C GLY B 243 6.85 -34.37 6.16
N ASN B 244 7.80 -34.64 5.25
CA ASN B 244 9.07 -35.23 5.66
C ASN B 244 10.24 -34.55 4.95
N ALA B 245 10.21 -33.23 4.87
CA ALA B 245 11.32 -32.44 4.34
C ALA B 245 11.11 -30.99 4.74
N PHE B 246 12.15 -30.18 4.58
CA PHE B 246 11.99 -28.74 4.68
C PHE B 246 13.17 -28.05 4.04
N ALA B 247 13.00 -26.76 3.76
CA ALA B 247 13.99 -25.95 3.06
C ALA B 247 14.20 -24.66 3.82
N THR B 248 15.47 -24.22 3.86
CA THR B 248 15.88 -23.06 4.65
C THR B 248 16.84 -22.19 3.85
N GLY B 249 16.82 -20.90 4.16
CA GLY B 249 17.75 -19.97 3.55
C GLY B 249 18.24 -18.97 4.58
N SER B 250 19.52 -18.62 4.48
CA SER B 250 20.23 -17.89 5.52
C SER B 250 20.51 -16.46 5.08
N ASP B 251 21.17 -15.72 5.98
CA ASP B 251 21.63 -14.36 5.70
C ASP B 251 23.08 -14.31 5.23
N ASP B 252 23.66 -15.47 4.93
CA ASP B 252 24.94 -15.54 4.24
C ASP B 252 24.76 -15.79 2.75
N ALA B 253 23.55 -15.59 2.23
CA ALA B 253 23.21 -15.76 0.81
C ALA B 253 23.34 -17.21 0.37
N THR B 254 22.78 -18.12 1.17
CA THR B 254 22.86 -19.54 0.84
C THR B 254 21.57 -20.23 1.26
N CYS B 255 21.18 -21.25 0.50
CA CYS B 255 20.00 -22.06 0.77
C CYS B 255 20.39 -23.52 0.88
N ARG B 256 19.63 -24.29 1.67
CA ARG B 256 19.82 -25.72 1.77
C ARG B 256 18.50 -26.44 2.05
N LEU B 257 18.55 -27.75 1.84
CA LEU B 257 17.41 -28.66 1.96
C LEU B 257 17.73 -29.72 2.99
N PHE B 258 16.78 -30.00 3.89
CA PHE B 258 16.96 -31.01 4.92
C PHE B 258 15.85 -32.05 4.83
N ASP B 259 16.21 -33.31 5.09
CA ASP B 259 15.28 -34.39 5.33
C ASP B 259 15.54 -34.96 6.72
N LEU B 260 14.48 -35.48 7.34
CA LEU B 260 14.55 -35.88 8.75
C LEU B 260 15.12 -37.28 8.92
N ARG B 261 14.60 -38.25 8.16
CA ARG B 261 15.05 -39.63 8.29
C ARG B 261 16.51 -39.77 7.89
N ALA B 262 16.92 -39.11 6.81
CA ALA B 262 18.33 -39.05 6.46
C ALA B 262 19.13 -38.30 7.51
N ASP B 263 18.49 -37.34 8.20
CA ASP B 263 19.12 -36.56 9.25
C ASP B 263 20.37 -35.84 8.74
N GLN B 264 20.33 -35.36 7.50
CA GLN B 264 21.47 -34.69 6.89
C GLN B 264 20.98 -33.80 5.76
N GLU B 265 21.86 -32.90 5.32
CA GLU B 265 21.58 -32.05 4.17
C GLU B 265 21.91 -32.76 2.86
N LEU B 266 21.19 -32.39 1.80
CA LEU B 266 21.38 -33.01 0.50
C LEU B 266 21.86 -32.01 -0.56
N MET B 267 21.11 -30.94 -0.80
CA MET B 267 21.48 -29.90 -1.76
C MET B 267 21.93 -28.63 -1.08
N THR B 268 22.70 -27.84 -1.82
CA THR B 268 23.17 -26.52 -1.41
C THR B 268 23.03 -25.58 -2.62
N TYR B 269 21.89 -24.91 -2.73
CA TYR B 269 21.66 -24.00 -3.85
C TYR B 269 22.47 -22.73 -3.64
N SER B 270 23.52 -22.56 -4.43
CA SER B 270 24.43 -21.42 -4.28
C SER B 270 24.84 -20.90 -5.64
N HIS B 271 25.55 -19.78 -5.62
CA HIS B 271 26.14 -19.19 -6.82
C HIS B 271 27.29 -18.29 -6.38
N ASP B 272 28.18 -17.98 -7.32
CA ASP B 272 29.37 -17.20 -7.00
C ASP B 272 29.16 -15.70 -7.14
N ASN B 273 28.09 -15.27 -7.80
CA ASN B 273 27.83 -13.86 -8.04
C ASN B 273 26.73 -13.29 -7.17
N ILE B 274 26.26 -14.03 -6.18
CA ILE B 274 25.18 -13.59 -5.31
C ILE B 274 25.76 -13.35 -3.93
N ILE B 275 25.59 -12.12 -3.42
CA ILE B 275 26.17 -11.75 -2.15
C ILE B 275 25.14 -11.05 -1.26
N CYS B 276 23.86 -11.33 -1.50
CA CYS B 276 22.78 -10.81 -0.67
C CYS B 276 21.96 -11.96 -0.12
N GLY B 277 21.58 -11.85 1.15
CA GLY B 277 20.90 -12.93 1.84
C GLY B 277 19.45 -13.09 1.42
N ILE B 278 18.82 -14.12 1.98
CA ILE B 278 17.46 -14.52 1.65
C ILE B 278 16.50 -13.81 2.58
N THR B 279 15.26 -13.62 2.13
CA THR B 279 14.20 -13.09 2.97
C THR B 279 12.94 -13.94 2.99
N SER B 280 12.76 -14.88 2.06
CA SER B 280 11.59 -15.75 2.07
C SER B 280 11.85 -16.97 1.20
N VAL B 281 11.03 -18.01 1.42
CA VAL B 281 11.00 -19.21 0.58
C VAL B 281 9.57 -19.72 0.49
N SER B 282 9.29 -20.50 -0.55
CA SER B 282 8.03 -21.22 -0.70
C SER B 282 8.16 -22.22 -1.84
N PHE B 283 7.43 -23.32 -1.75
CA PHE B 283 7.51 -24.42 -2.70
C PHE B 283 6.35 -24.34 -3.70
N SER B 284 6.37 -25.27 -4.65
CA SER B 284 5.28 -25.45 -5.60
C SER B 284 4.47 -26.69 -5.22
N LYS B 285 3.57 -27.10 -6.11
CA LYS B 285 2.69 -28.23 -5.82
C LYS B 285 3.48 -29.53 -5.75
N SER B 286 4.10 -29.92 -6.86
CA SER B 286 4.77 -31.21 -6.94
C SER B 286 6.14 -31.21 -6.28
N GLY B 287 6.54 -30.11 -5.65
CA GLY B 287 7.89 -30.01 -5.14
C GLY B 287 8.93 -29.97 -6.23
N ARG B 288 8.69 -29.17 -7.29
CA ARG B 288 9.62 -29.06 -8.40
C ARG B 288 10.16 -27.65 -8.61
N LEU B 289 9.50 -26.62 -8.09
CA LEU B 289 10.03 -25.27 -8.14
C LEU B 289 10.10 -24.69 -6.74
N LEU B 290 11.26 -24.13 -6.39
CA LEU B 290 11.49 -23.46 -5.11
C LEU B 290 11.70 -21.98 -5.40
N LEU B 291 10.79 -21.15 -4.94
CA LEU B 291 10.92 -19.72 -5.16
C LEU B 291 11.66 -19.09 -3.98
N ALA B 292 12.23 -17.92 -4.22
CA ALA B 292 12.99 -17.26 -3.17
C ALA B 292 13.01 -15.75 -3.39
N GLY B 293 13.11 -15.01 -2.30
CA GLY B 293 13.22 -13.55 -2.35
C GLY B 293 14.54 -13.09 -1.77
N TYR B 294 15.16 -12.11 -2.42
CA TYR B 294 16.47 -11.62 -2.05
C TYR B 294 16.42 -10.13 -1.75
N ASP B 295 17.60 -9.57 -1.49
CA ASP B 295 17.76 -8.14 -1.23
C ASP B 295 18.34 -7.38 -2.40
N ASP B 296 18.65 -8.07 -3.51
CA ASP B 296 19.06 -7.44 -4.76
C ASP B 296 17.89 -7.13 -5.67
N PHE B 297 16.68 -7.07 -5.11
CA PHE B 297 15.43 -6.59 -5.72
C PHE B 297 14.77 -7.63 -6.60
N ASN B 298 15.22 -8.87 -6.58
CA ASN B 298 14.71 -9.90 -7.48
C ASN B 298 13.96 -10.97 -6.71
N CYS B 299 13.32 -11.86 -7.46
CA CYS B 299 12.71 -13.07 -6.93
C CYS B 299 13.20 -14.21 -7.81
N ASN B 300 13.95 -15.13 -7.24
CA ASN B 300 14.53 -16.19 -8.02
C ASN B 300 13.67 -17.45 -7.99
N VAL B 301 13.81 -18.26 -9.03
CA VAL B 301 13.05 -19.48 -9.24
C VAL B 301 14.05 -20.59 -9.48
N TRP B 302 14.28 -21.43 -8.47
CA TRP B 302 15.20 -22.55 -8.51
C TRP B 302 14.44 -23.83 -8.82
N ASP B 303 15.12 -24.76 -9.44
CA ASP B 303 14.64 -26.14 -9.50
C ASP B 303 15.18 -26.87 -8.28
N ALA B 304 14.27 -27.36 -7.43
CA ALA B 304 14.65 -27.81 -6.10
C ALA B 304 15.52 -29.05 -6.12
N LEU B 305 15.68 -29.71 -7.25
CA LEU B 305 16.39 -30.98 -7.31
C LEU B 305 17.76 -30.87 -7.97
N LYS B 306 18.16 -29.69 -8.44
CA LYS B 306 19.42 -29.58 -9.16
C LYS B 306 20.30 -28.42 -8.76
N ALA B 307 19.80 -27.47 -7.97
CA ALA B 307 20.55 -26.28 -7.56
C ALA B 307 20.97 -25.43 -8.75
N ASP B 308 20.36 -25.64 -9.91
CA ASP B 308 20.60 -24.83 -11.09
C ASP B 308 19.64 -23.66 -11.07
N ARG B 309 19.52 -22.96 -12.19
CA ARG B 309 18.67 -21.79 -12.29
C ARG B 309 17.55 -22.05 -13.29
N ALA B 310 16.38 -21.54 -12.96
CA ALA B 310 15.21 -21.68 -13.81
C ALA B 310 14.57 -20.34 -14.17
N GLY B 311 14.61 -19.35 -13.28
CA GLY B 311 14.04 -18.09 -13.70
C GLY B 311 14.26 -16.97 -12.72
N VAL B 312 13.96 -15.76 -13.18
CA VAL B 312 13.99 -14.55 -12.36
C VAL B 312 12.71 -13.78 -12.62
N LEU B 313 12.01 -13.40 -11.56
CA LEU B 313 10.82 -12.57 -11.68
C LEU B 313 11.27 -11.17 -11.27
N ALA B 314 11.95 -10.51 -12.20
CA ALA B 314 12.35 -9.13 -12.00
C ALA B 314 11.20 -8.15 -12.28
N GLY B 315 11.26 -7.00 -11.62
CA GLY B 315 10.20 -6.03 -11.75
C GLY B 315 9.94 -5.16 -10.52
N HIS B 316 10.62 -5.46 -9.41
CA HIS B 316 10.46 -4.67 -8.20
C HIS B 316 11.51 -3.56 -8.15
N ASP B 317 11.15 -2.46 -7.48
CA ASP B 317 12.02 -1.32 -7.33
C ASP B 317 12.70 -1.26 -5.97
N ASN B 318 12.53 -2.28 -5.14
CA ASN B 318 13.19 -2.35 -3.85
C ASN B 318 13.24 -3.81 -3.41
N ARG B 319 13.58 -4.03 -2.14
CA ARG B 319 13.76 -5.37 -1.60
C ARG B 319 12.45 -6.13 -1.54
N VAL B 320 12.51 -7.43 -1.86
CA VAL B 320 11.35 -8.31 -1.78
C VAL B 320 11.24 -8.85 -0.37
N SER B 321 10.04 -8.75 0.21
CA SER B 321 9.79 -9.21 1.57
C SER B 321 9.11 -10.57 1.62
N CYS B 322 8.01 -10.77 0.87
CA CYS B 322 7.19 -11.95 1.06
C CYS B 322 6.78 -12.54 -0.28
N LEU B 323 6.55 -13.86 -0.31
CA LEU B 323 6.01 -14.51 -1.49
C LEU B 323 5.20 -15.74 -1.07
N GLY B 324 4.27 -16.14 -1.94
CA GLY B 324 3.37 -17.23 -1.63
C GLY B 324 2.72 -17.87 -2.83
N VAL B 325 2.21 -19.08 -2.61
CA VAL B 325 1.61 -19.92 -3.65
C VAL B 325 0.20 -20.31 -3.22
N THR B 326 -0.70 -20.43 -4.19
CA THR B 326 -2.07 -20.85 -3.93
C THR B 326 -2.10 -22.30 -3.46
N ASP B 327 -3.31 -22.75 -3.08
CA ASP B 327 -3.53 -24.13 -2.67
C ASP B 327 -3.90 -25.04 -3.83
N ASP B 328 -3.95 -24.52 -5.06
CA ASP B 328 -4.16 -25.32 -6.24
C ASP B 328 -3.06 -25.20 -7.29
N GLY B 329 -2.10 -24.30 -7.08
CA GLY B 329 -0.93 -24.20 -7.95
C GLY B 329 -1.03 -23.23 -9.10
N MET B 330 -2.20 -22.62 -9.34
CA MET B 330 -2.37 -21.79 -10.51
C MET B 330 -1.51 -20.52 -10.46
N ALA B 331 -1.59 -19.77 -9.37
CA ALA B 331 -1.00 -18.44 -9.32
C ALA B 331 0.12 -18.34 -8.30
N VAL B 332 0.89 -17.25 -8.39
CA VAL B 332 1.93 -16.92 -7.42
C VAL B 332 1.81 -15.45 -7.07
N ALA B 333 2.11 -15.10 -5.82
CA ALA B 333 2.03 -13.70 -5.40
C ALA B 333 3.30 -13.27 -4.69
N THR B 334 3.73 -12.03 -4.95
CA THR B 334 4.92 -11.45 -4.31
C THR B 334 4.62 -10.06 -3.79
N GLY B 335 5.34 -9.67 -2.75
CA GLY B 335 5.22 -8.36 -2.16
C GLY B 335 6.55 -7.86 -1.66
N SER B 336 6.85 -6.59 -1.94
CA SER B 336 8.17 -6.02 -1.71
C SER B 336 8.02 -4.65 -1.05
N TRP B 337 9.16 -3.99 -0.85
CA TRP B 337 9.24 -2.75 -0.11
C TRP B 337 8.74 -1.54 -0.88
N ASP B 338 8.29 -1.71 -2.12
CA ASP B 338 7.83 -0.60 -2.94
C ASP B 338 6.34 -0.33 -2.79
N SER B 339 5.66 -1.03 -1.88
CA SER B 339 4.24 -0.92 -1.51
C SER B 339 3.30 -1.58 -2.51
N PHE B 340 3.80 -2.17 -3.58
CA PHE B 340 2.96 -2.88 -4.53
C PHE B 340 3.05 -4.38 -4.29
N LEU B 341 1.99 -5.09 -4.66
CA LEU B 341 1.94 -6.53 -4.56
C LEU B 341 1.47 -7.08 -5.90
N LYS B 342 2.20 -8.06 -6.42
CA LYS B 342 2.03 -8.51 -7.80
C LYS B 342 1.62 -9.96 -7.85
N ILE B 343 0.82 -10.29 -8.86
CA ILE B 343 0.37 -11.66 -9.11
C ILE B 343 0.95 -12.12 -10.44
N TRP B 344 1.64 -13.24 -10.41
CA TRP B 344 2.33 -13.81 -11.56
C TRP B 344 1.70 -15.13 -11.92
N ASN B 345 1.51 -15.34 -13.23
CA ASN B 345 1.04 -16.61 -13.76
C ASN B 345 1.46 -16.77 -15.22
N VAL C 1 -29.75 -6.59 16.64
CA VAL C 1 -30.27 -6.15 15.36
C VAL C 1 -31.74 -5.79 15.48
N GLN C 2 -32.13 -4.66 14.88
CA GLN C 2 -33.52 -4.22 14.97
C GLN C 2 -33.77 -3.18 13.90
N LEU C 3 -34.79 -3.42 13.08
CA LEU C 3 -35.33 -2.41 12.15
C LEU C 3 -36.78 -2.18 12.54
N VAL C 4 -37.13 -0.93 12.85
CA VAL C 4 -38.50 -0.58 13.24
C VAL C 4 -38.99 0.53 12.34
N GLU C 5 -40.18 0.36 11.76
CA GLU C 5 -40.71 1.27 10.77
C GLU C 5 -41.93 2.00 11.32
N SER C 6 -42.26 3.12 10.68
CA SER C 6 -43.43 3.89 11.09
C SER C 6 -43.92 4.72 9.91
N GLY C 7 -45.23 4.95 9.88
CA GLY C 7 -45.80 5.85 8.90
C GLY C 7 -47.14 5.45 8.32
N GLY C 8 -47.60 4.24 8.58
CA GLY C 8 -48.81 3.75 7.97
C GLY C 8 -50.04 4.54 8.38
N GLY C 9 -51.12 4.33 7.65
CA GLY C 9 -52.36 5.00 7.94
C GLY C 9 -53.30 5.01 6.75
N LEU C 10 -54.38 5.76 6.89
CA LEU C 10 -55.41 5.90 5.88
C LEU C 10 -55.33 7.28 5.24
N VAL C 11 -55.41 7.32 3.91
CA VAL C 11 -55.28 8.58 3.17
C VAL C 11 -56.33 8.63 2.07
N GLN C 12 -56.68 9.85 1.67
CA GLN C 12 -57.63 10.11 0.60
C GLN C 12 -56.90 10.17 -0.74
N PRO C 13 -57.64 10.22 -1.85
CA PRO C 13 -56.99 10.45 -3.14
C PRO C 13 -56.17 11.73 -3.05
N GLY C 14 -55.12 11.79 -3.85
CA GLY C 14 -54.14 12.89 -3.74
C GLY C 14 -53.22 12.65 -2.60
N GLY C 15 -53.05 13.64 -1.72
CA GLY C 15 -52.31 13.48 -0.48
C GLY C 15 -50.92 13.06 -0.65
N SER C 16 -50.27 12.72 0.46
CA SER C 16 -48.88 12.32 0.47
C SER C 16 -48.55 11.74 1.83
N ARG C 17 -47.49 10.94 1.87
CA ARG C 17 -47.03 10.34 3.11
C ARG C 17 -45.51 10.28 3.11
N LYS C 18 -44.94 10.15 4.31
CA LYS C 18 -43.50 10.06 4.51
C LYS C 18 -43.23 8.94 5.52
N LEU C 19 -42.85 7.77 5.02
CA LEU C 19 -42.59 6.64 5.88
C LEU C 19 -41.13 6.62 6.29
N SER C 20 -40.87 6.23 7.54
CA SER C 20 -39.53 6.29 8.10
C SER C 20 -39.16 4.94 8.72
N CYS C 21 -37.87 4.66 8.73
CA CYS C 21 -37.34 3.42 9.29
C CYS C 21 -36.12 3.73 10.14
N SER C 22 -36.11 3.20 11.37
CA SER C 22 -35.03 3.42 12.32
C SER C 22 -34.33 2.10 12.60
N ALA C 23 -33.00 2.09 12.49
CA ALA C 23 -32.19 0.91 12.64
C ALA C 23 -31.31 1.04 13.88
N SER C 24 -31.25 -0.04 14.66
CA SER C 24 -30.46 -0.04 15.89
C SER C 24 -29.87 -1.42 16.10
N GLY C 25 -28.60 -1.47 16.46
CA GLY C 25 -27.92 -2.70 16.77
C GLY C 25 -26.89 -3.17 15.77
N PHE C 26 -26.59 -2.39 14.75
CA PHE C 26 -25.61 -2.81 13.73
C PHE C 26 -25.09 -1.57 13.02
N ALA C 27 -24.14 -1.78 12.10
CA ALA C 27 -23.46 -0.72 11.37
C ALA C 27 -24.26 -0.36 10.13
N PHE C 28 -24.91 0.80 10.16
CA PHE C 28 -25.83 1.20 9.10
C PHE C 28 -25.10 1.68 7.84
N SER C 29 -23.94 2.32 8.00
CA SER C 29 -23.31 3.00 6.88
C SER C 29 -22.72 2.05 5.85
N SER C 30 -22.67 0.75 6.14
CA SER C 30 -22.06 -0.22 5.22
C SER C 30 -23.09 -1.14 4.57
N PHE C 31 -24.36 -0.73 4.51
CA PHE C 31 -25.42 -1.58 4.00
C PHE C 31 -26.26 -0.84 2.96
N GLY C 32 -26.81 -1.61 2.02
CA GLY C 32 -27.81 -1.10 1.11
C GLY C 32 -29.20 -1.47 1.59
N MET C 33 -30.20 -0.69 1.16
CA MET C 33 -31.54 -0.82 1.68
C MET C 33 -32.58 -0.87 0.56
N HIS C 34 -33.58 -1.72 0.76
CA HIS C 34 -34.68 -1.91 -0.17
C HIS C 34 -36.01 -1.66 0.54
N TRP C 35 -36.94 -1.06 -0.19
CA TRP C 35 -38.34 -1.02 0.21
C TRP C 35 -39.12 -2.01 -0.64
N VAL C 36 -39.87 -2.89 0.01
CA VAL C 36 -40.60 -4.00 -0.61
C VAL C 36 -42.06 -3.90 -0.17
N ARG C 37 -42.97 -4.35 -1.01
CA ARG C 37 -44.40 -4.13 -0.80
C ARG C 37 -45.15 -5.45 -0.82
N GLN C 38 -46.36 -5.45 -0.29
CA GLN C 38 -47.19 -6.65 -0.30
C GLN C 38 -48.66 -6.27 -0.37
N ALA C 39 -49.38 -6.86 -1.32
CA ALA C 39 -50.81 -6.67 -1.45
C ALA C 39 -51.53 -7.39 -0.31
N PRO C 40 -52.78 -7.02 -0.03
CA PRO C 40 -53.47 -7.63 1.12
C PRO C 40 -53.58 -9.15 1.06
N GLU C 41 -53.79 -9.73 -0.13
CA GLU C 41 -53.96 -11.17 -0.26
C GLU C 41 -53.16 -11.76 -1.41
N LYS C 42 -52.25 -11.01 -1.99
CA LYS C 42 -51.47 -11.47 -3.14
C LYS C 42 -49.99 -11.51 -2.77
N GLY C 43 -49.14 -11.73 -3.78
CA GLY C 43 -47.73 -11.86 -3.56
C GLY C 43 -47.05 -10.54 -3.32
N LEU C 44 -45.74 -10.62 -3.13
CA LEU C 44 -44.94 -9.44 -2.85
C LEU C 44 -44.61 -8.72 -4.16
N GLU C 45 -44.07 -7.51 -4.04
CA GLU C 45 -43.56 -6.79 -5.22
C GLU C 45 -42.58 -5.71 -4.79
N TRP C 46 -41.44 -5.66 -5.47
CA TRP C 46 -40.34 -4.77 -5.10
C TRP C 46 -40.67 -3.32 -5.43
N VAL C 47 -40.17 -2.39 -4.59
CA VAL C 47 -40.54 -0.99 -4.71
C VAL C 47 -39.34 -0.10 -5.05
N ALA C 48 -38.31 -0.10 -4.21
CA ALA C 48 -37.22 0.84 -4.48
C ALA C 48 -35.93 0.41 -3.80
N TYR C 49 -34.82 1.00 -4.26
CA TYR C 49 -33.49 0.63 -3.78
C TYR C 49 -32.58 1.84 -3.66
N ILE C 50 -31.94 1.99 -2.49
CA ILE C 50 -30.90 3.00 -2.28
C ILE C 50 -29.68 2.32 -1.66
N SER C 51 -28.50 2.59 -2.22
CA SER C 51 -27.31 1.84 -1.91
C SER C 51 -26.44 2.57 -0.90
N SER C 52 -25.32 1.94 -0.57
CA SER C 52 -24.34 2.54 0.32
C SER C 52 -23.65 3.72 -0.34
N GLY C 53 -23.37 4.76 0.44
CA GLY C 53 -22.71 5.93 -0.08
C GLY C 53 -23.63 6.92 -0.78
N SER C 54 -24.93 6.62 -0.87
CA SER C 54 -25.92 7.52 -1.45
C SER C 54 -25.51 7.87 -2.88
N GLY C 55 -25.31 6.83 -3.68
CA GLY C 55 -25.04 6.93 -5.11
C GLY C 55 -26.20 6.38 -5.89
N THR C 56 -26.11 5.11 -6.29
CA THR C 56 -27.12 4.48 -7.14
C THR C 56 -28.49 4.41 -6.50
N ILE C 57 -29.51 4.87 -7.21
CA ILE C 57 -30.90 4.81 -6.77
C ILE C 57 -31.73 4.18 -7.88
N TYR C 58 -32.53 3.19 -7.54
CA TYR C 58 -33.39 2.50 -8.50
C TYR C 58 -34.83 2.55 -8.05
N TYR C 59 -35.74 2.74 -9.01
CA TYR C 59 -37.18 2.77 -8.76
C TYR C 59 -37.87 1.68 -9.55
N ALA C 60 -39.17 1.54 -9.30
CA ALA C 60 -40.02 0.58 -9.97
C ALA C 60 -40.86 1.28 -11.03
N ASP C 61 -41.37 0.49 -11.98
CA ASP C 61 -41.99 1.07 -13.16
C ASP C 61 -43.36 1.66 -12.88
N THR C 62 -44.07 1.15 -11.87
CA THR C 62 -45.46 1.51 -11.66
C THR C 62 -45.67 2.75 -10.80
N VAL C 63 -44.62 3.28 -10.17
CA VAL C 63 -44.75 4.46 -9.33
C VAL C 63 -43.63 5.45 -9.62
N LYS C 64 -42.83 5.18 -10.65
CA LYS C 64 -41.63 5.97 -10.89
C LYS C 64 -41.96 7.43 -11.11
N GLY C 65 -41.20 8.31 -10.47
CA GLY C 65 -41.45 9.73 -10.53
C GLY C 65 -42.40 10.25 -9.49
N ARG C 66 -43.16 9.37 -8.83
CA ARG C 66 -44.03 9.76 -7.73
C ARG C 66 -43.40 9.50 -6.37
N PHE C 67 -42.62 8.45 -6.24
CA PHE C 67 -41.97 8.08 -4.99
C PHE C 67 -40.56 8.63 -4.95
N THR C 68 -40.02 8.76 -3.74
CA THR C 68 -38.64 9.18 -3.55
C THR C 68 -38.04 8.45 -2.37
N ILE C 69 -36.77 8.08 -2.48
CA ILE C 69 -36.06 7.38 -1.41
C ILE C 69 -34.94 8.27 -0.89
N SER C 70 -34.65 8.14 0.41
CA SER C 70 -33.56 8.92 0.99
C SER C 70 -33.07 8.25 2.25
N ARG C 71 -31.84 8.58 2.65
CA ARG C 71 -31.25 8.02 3.86
C ARG C 71 -30.48 9.11 4.62
N ASP C 72 -30.38 8.93 5.94
CA ASP C 72 -29.61 9.80 6.82
C ASP C 72 -28.75 8.91 7.71
N ASP C 73 -27.44 9.05 7.57
CA ASP C 73 -26.49 8.13 8.21
C ASP C 73 -26.24 8.43 9.69
N PRO C 74 -25.89 9.66 10.08
CA PRO C 74 -25.58 9.90 11.50
C PRO C 74 -26.73 9.62 12.44
N LYS C 75 -27.97 9.65 11.97
CA LYS C 75 -29.12 9.29 12.80
C LYS C 75 -29.68 7.91 12.46
N ASN C 76 -29.15 7.24 11.45
CA ASN C 76 -29.55 5.88 11.07
C ASN C 76 -31.05 5.82 10.76
N THR C 77 -31.45 6.50 9.69
CA THR C 77 -32.87 6.54 9.38
C THR C 77 -33.12 6.63 7.88
N LEU C 78 -34.02 5.78 7.39
CA LEU C 78 -34.45 5.78 5.99
C LEU C 78 -35.81 6.46 5.83
N PHE C 79 -36.03 7.06 4.67
CA PHE C 79 -37.30 7.70 4.34
C PHE C 79 -37.75 7.30 2.96
N LEU C 80 -39.06 7.14 2.80
CA LEU C 80 -39.70 7.08 1.49
C LEU C 80 -40.84 8.08 1.46
N GLN C 81 -40.85 8.92 0.44
CA GLN C 81 -41.82 10.01 0.28
C GLN C 81 -42.73 9.69 -0.90
N MET C 82 -44.03 9.58 -0.66
CA MET C 82 -44.99 9.21 -1.68
C MET C 82 -46.02 10.31 -1.87
N THR C 83 -46.37 10.56 -3.14
CA THR C 83 -47.26 11.65 -3.51
C THR C 83 -48.28 11.20 -4.55
N SER C 84 -49.49 11.76 -4.46
CA SER C 84 -50.56 11.58 -5.44
C SER C 84 -50.95 10.10 -5.58
N LEU C 85 -51.54 9.57 -4.52
CA LEU C 85 -51.84 8.15 -4.42
C LEU C 85 -53.28 7.85 -4.80
N ARG C 86 -53.45 6.81 -5.61
CA ARG C 86 -54.73 6.30 -6.05
C ARG C 86 -55.18 5.15 -5.14
N SER C 87 -56.26 4.45 -5.54
CA SER C 87 -56.82 3.41 -4.69
C SER C 87 -56.09 2.09 -4.81
N GLU C 88 -55.13 1.97 -5.71
CA GLU C 88 -54.37 0.74 -5.89
C GLU C 88 -53.08 0.73 -5.09
N ASP C 89 -52.84 1.75 -4.29
CA ASP C 89 -51.64 1.83 -3.45
C ASP C 89 -51.85 1.23 -2.06
N THR C 90 -53.01 0.66 -1.79
CA THR C 90 -53.26 0.02 -0.52
C THR C 90 -52.40 -1.24 -0.41
N ALA C 91 -51.61 -1.33 0.65
CA ALA C 91 -50.66 -2.45 0.76
C ALA C 91 -50.03 -2.42 2.15
N MET C 92 -49.03 -3.25 2.34
CA MET C 92 -48.20 -3.25 3.54
C MET C 92 -46.74 -3.25 3.12
N TYR C 93 -45.95 -2.37 3.70
CA TYR C 93 -44.58 -2.12 3.27
C TYR C 93 -43.54 -2.59 4.29
N TYR C 94 -42.42 -3.09 3.79
CA TYR C 94 -41.35 -3.63 4.60
C TYR C 94 -40.02 -3.08 4.14
N CYS C 95 -39.06 -3.06 5.07
CA CYS C 95 -37.69 -2.58 4.85
C CYS C 95 -36.72 -3.74 4.95
N VAL C 96 -35.78 -3.81 4.02
CA VAL C 96 -34.89 -4.96 3.89
C VAL C 96 -33.45 -4.48 3.78
N ARG C 97 -32.54 -5.26 4.38
CA ARG C 97 -31.12 -4.97 4.48
C ARG C 97 -30.35 -5.86 3.51
N SER C 98 -29.25 -5.34 2.97
CA SER C 98 -28.40 -6.18 2.13
C SER C 98 -26.98 -5.63 2.10
N ILE C 99 -26.03 -6.50 1.77
CA ILE C 99 -24.64 -6.08 1.61
C ILE C 99 -24.00 -6.93 0.53
N TYR C 100 -23.21 -6.30 -0.33
CA TYR C 100 -22.64 -6.95 -1.51
C TYR C 100 -21.12 -6.88 -1.53
N TYR C 101 -20.48 -7.87 -0.93
CA TYR C 101 -19.08 -8.15 -1.20
C TYR C 101 -18.97 -9.64 -1.45
N TYR C 102 -17.78 -10.11 -1.78
CA TYR C 102 -17.63 -11.52 -2.10
C TYR C 102 -17.96 -12.39 -0.89
N GLY C 103 -18.87 -13.34 -1.08
CA GLY C 103 -19.32 -14.22 -0.03
C GLY C 103 -20.50 -13.74 0.76
N SER C 104 -20.98 -12.52 0.51
CA SER C 104 -22.03 -11.94 1.33
C SER C 104 -23.38 -12.63 1.07
N SER C 105 -24.30 -12.44 2.02
CA SER C 105 -25.60 -13.11 2.03
C SER C 105 -26.70 -12.07 2.15
N PRO C 106 -27.14 -11.50 1.04
CA PRO C 106 -28.11 -10.41 1.08
C PRO C 106 -29.49 -10.88 1.53
N PHE C 107 -30.31 -9.89 1.88
CA PHE C 107 -31.71 -10.08 2.30
C PHE C 107 -31.81 -10.89 3.59
N ASP C 108 -30.82 -10.75 4.47
CA ASP C 108 -30.81 -11.55 5.70
C ASP C 108 -31.86 -11.08 6.69
N PHE C 109 -31.99 -9.77 6.90
CA PHE C 109 -32.90 -9.25 7.90
C PHE C 109 -34.06 -8.49 7.28
N TRP C 110 -35.24 -8.61 7.91
CA TRP C 110 -36.45 -7.90 7.51
C TRP C 110 -37.10 -7.29 8.72
N GLY C 111 -37.86 -6.23 8.50
CA GLY C 111 -38.56 -5.52 9.57
C GLY C 111 -39.98 -6.01 9.71
N GLN C 112 -40.82 -5.15 10.29
CA GLN C 112 -42.18 -5.50 10.55
C GLN C 112 -43.22 -4.71 9.71
N GLY C 113 -42.74 -3.70 8.98
CA GLY C 113 -43.57 -3.05 7.99
C GLY C 113 -44.78 -2.25 8.54
N THR C 114 -45.42 -1.46 7.69
CA THR C 114 -46.58 -0.66 8.07
C THR C 114 -47.67 -0.80 7.02
N THR C 115 -48.91 -0.62 7.46
CA THR C 115 -50.07 -0.71 6.59
C THR C 115 -50.42 0.66 6.02
N LEU C 116 -50.80 0.69 4.75
CA LEU C 116 -51.25 1.91 4.10
C LEU C 116 -52.54 1.62 3.36
N THR C 117 -53.55 2.46 3.59
CA THR C 117 -54.90 2.25 3.07
C THR C 117 -55.39 3.52 2.39
N VAL C 118 -56.19 3.34 1.34
CA VAL C 118 -56.75 4.43 0.56
C VAL C 118 -58.22 4.16 0.29
N SER C 119 -59.03 5.21 0.34
CA SER C 119 -60.45 5.08 0.09
C SER C 119 -60.72 4.84 -1.40
N ASP C 137 -38.91 -7.60 -18.71
CA ASP C 137 -38.92 -8.12 -17.35
C ASP C 137 -39.06 -9.63 -17.35
N ILE C 138 -38.28 -10.29 -16.50
CA ILE C 138 -38.33 -11.74 -16.39
C ILE C 138 -39.57 -12.14 -15.61
N VAL C 139 -40.17 -13.27 -15.98
CA VAL C 139 -41.41 -13.74 -15.37
C VAL C 139 -41.16 -15.10 -14.74
N MET C 140 -41.52 -15.23 -13.46
CA MET C 140 -41.55 -16.51 -12.77
C MET C 140 -42.99 -16.91 -12.49
N THR C 141 -43.22 -18.22 -12.47
CA THR C 141 -44.55 -18.77 -12.27
C THR C 141 -44.54 -19.82 -11.16
N GLN C 142 -45.58 -19.76 -10.32
CA GLN C 142 -45.81 -20.71 -9.25
C GLN C 142 -46.78 -21.77 -9.73
N ALA C 143 -46.39 -23.04 -9.58
CA ALA C 143 -47.20 -24.13 -10.12
C ALA C 143 -48.58 -24.18 -9.47
N THR C 144 -48.62 -24.23 -8.14
CA THR C 144 -49.88 -24.46 -7.43
C THR C 144 -50.09 -23.47 -6.31
N SER C 145 -51.12 -23.70 -5.50
CA SER C 145 -51.38 -22.85 -4.35
C SER C 145 -51.77 -23.60 -3.08
N SER C 146 -52.01 -24.91 -3.13
CA SER C 146 -52.38 -25.67 -1.95
C SER C 146 -51.88 -27.09 -2.09
N VAL C 147 -51.09 -27.54 -1.11
CA VAL C 147 -50.53 -28.89 -1.09
C VAL C 147 -50.67 -29.45 0.33
N PRO C 148 -51.58 -30.40 0.57
CA PRO C 148 -51.74 -30.93 1.94
C PRO C 148 -50.81 -32.08 2.26
N VAL C 149 -50.16 -32.02 3.43
CA VAL C 149 -49.23 -33.05 3.89
C VAL C 149 -49.36 -33.23 5.38
N THR C 150 -48.77 -34.31 5.88
CA THR C 150 -48.78 -34.68 7.29
C THR C 150 -47.35 -34.85 7.78
N PRO C 151 -47.10 -34.64 9.07
CA PRO C 151 -45.72 -34.64 9.56
C PRO C 151 -45.01 -35.96 9.30
N GLY C 152 -43.71 -35.87 9.08
CA GLY C 152 -42.90 -36.99 8.67
C GLY C 152 -42.81 -37.17 7.18
N GLU C 153 -43.55 -36.39 6.40
CA GLU C 153 -43.55 -36.51 4.94
C GLU C 153 -42.50 -35.57 4.35
N SER C 154 -41.73 -36.09 3.39
CA SER C 154 -40.73 -35.29 2.69
C SER C 154 -41.39 -34.62 1.48
N VAL C 155 -41.27 -33.30 1.40
CA VAL C 155 -42.03 -32.53 0.42
C VAL C 155 -41.08 -31.75 -0.48
N SER C 156 -41.61 -31.31 -1.62
CA SER C 156 -40.84 -30.55 -2.60
C SER C 156 -41.75 -29.58 -3.33
N ILE C 157 -41.25 -28.37 -3.58
CA ILE C 157 -42.05 -27.26 -4.09
C ILE C 157 -41.33 -26.62 -5.28
N SER C 158 -42.08 -26.36 -6.35
CA SER C 158 -41.50 -25.98 -7.64
C SER C 158 -41.83 -24.55 -8.03
N CYS C 159 -40.89 -23.91 -8.73
CA CYS C 159 -41.11 -22.64 -9.42
C CYS C 159 -40.50 -22.72 -10.82
N ARG C 160 -41.03 -21.88 -11.72
CA ARG C 160 -40.56 -21.80 -13.10
C ARG C 160 -40.21 -20.35 -13.43
N SER C 161 -39.41 -20.16 -14.48
CA SER C 161 -39.03 -18.82 -14.93
C SER C 161 -39.09 -18.78 -16.45
N SER C 162 -38.49 -17.74 -17.04
CA SER C 162 -38.56 -17.53 -18.48
C SER C 162 -37.22 -17.14 -19.10
N LYS C 163 -36.11 -17.47 -18.45
CA LYS C 163 -34.78 -17.21 -18.99
C LYS C 163 -33.76 -17.86 -18.06
N SER C 164 -32.61 -18.20 -18.62
CA SER C 164 -31.51 -18.70 -17.81
C SER C 164 -31.08 -17.66 -16.78
N LEU C 165 -30.96 -18.09 -15.54
CA LEU C 165 -30.46 -17.23 -14.46
C LEU C 165 -29.00 -17.49 -14.14
N LEU C 166 -28.36 -18.40 -14.88
CA LEU C 166 -26.93 -18.62 -14.76
C LEU C 166 -26.18 -17.50 -15.47
N HIS C 167 -24.93 -17.34 -15.08
CA HIS C 167 -24.08 -16.27 -15.58
C HIS C 167 -22.68 -16.82 -15.86
N SER C 168 -21.93 -16.07 -16.67
CA SER C 168 -20.61 -16.51 -17.09
C SER C 168 -19.60 -16.54 -15.95
N ASN C 169 -19.92 -15.95 -14.80
CA ASN C 169 -19.04 -16.01 -13.64
C ASN C 169 -19.40 -17.15 -12.69
N GLY C 170 -20.30 -18.04 -13.10
CA GLY C 170 -20.63 -19.22 -12.33
C GLY C 170 -21.72 -19.06 -11.31
N ASN C 171 -22.31 -17.88 -11.18
CA ASN C 171 -23.37 -17.65 -10.21
C ASN C 171 -24.69 -18.21 -10.72
N THR C 172 -25.72 -18.12 -9.87
CA THR C 172 -27.09 -18.39 -10.30
C THR C 172 -28.02 -17.68 -9.32
N TYR C 173 -28.63 -16.59 -9.77
CA TYR C 173 -29.32 -15.66 -8.89
C TYR C 173 -30.80 -16.03 -8.78
N LEU C 174 -31.23 -16.38 -7.57
CA LEU C 174 -32.62 -16.70 -7.26
C LEU C 174 -32.76 -16.92 -5.76
N TYR C 175 -33.95 -16.72 -5.21
CA TYR C 175 -34.12 -16.79 -3.76
C TYR C 175 -35.41 -17.50 -3.40
N TRP C 176 -35.36 -18.35 -2.37
CA TRP C 176 -36.55 -18.79 -1.67
C TRP C 176 -36.61 -18.17 -0.27
N PHE C 177 -37.75 -17.54 0.03
CA PHE C 177 -38.10 -17.01 1.33
C PHE C 177 -39.31 -17.76 1.89
N LEU C 178 -39.49 -17.65 3.20
CA LEU C 178 -40.60 -18.28 3.91
C LEU C 178 -41.40 -17.24 4.67
N GLN C 179 -42.68 -17.50 4.85
CA GLN C 179 -43.51 -16.62 5.67
C GLN C 179 -44.53 -17.48 6.41
N ARG C 180 -44.41 -17.52 7.73
CA ARG C 180 -45.29 -18.31 8.59
C ARG C 180 -46.63 -17.59 8.72
N PRO C 181 -47.62 -18.22 9.37
CA PRO C 181 -48.94 -17.57 9.50
C PRO C 181 -49.04 -16.42 10.50
N GLY C 182 -48.65 -15.23 10.06
CA GLY C 182 -48.84 -14.03 10.86
C GLY C 182 -47.57 -13.24 11.11
N GLN C 183 -46.47 -13.63 10.50
CA GLN C 183 -45.18 -12.95 10.77
C GLN C 183 -44.62 -12.25 9.54
N SER C 184 -43.35 -11.85 9.61
CA SER C 184 -42.55 -11.22 8.54
C SER C 184 -41.65 -12.31 7.92
N PRO C 185 -41.13 -12.08 6.72
CA PRO C 185 -40.40 -13.16 6.03
C PRO C 185 -39.03 -13.47 6.62
N GLN C 186 -38.33 -14.39 5.98
CA GLN C 186 -37.10 -14.94 6.52
C GLN C 186 -36.40 -15.71 5.42
N LEU C 187 -35.09 -15.52 5.29
CA LEU C 187 -34.35 -16.05 4.17
C LEU C 187 -34.08 -17.53 4.37
N LEU C 188 -34.54 -18.35 3.42
CA LEU C 188 -34.30 -19.78 3.42
C LEU C 188 -33.12 -20.15 2.55
N ILE C 189 -33.14 -19.78 1.27
CA ILE C 189 -32.08 -20.16 0.34
C ILE C 189 -31.76 -18.98 -0.55
N TYR C 190 -30.47 -18.62 -0.63
CA TYR C 190 -29.99 -17.53 -1.46
C TYR C 190 -29.12 -18.06 -2.58
N ARG C 191 -29.25 -17.44 -3.75
CA ARG C 191 -28.51 -17.80 -4.97
C ARG C 191 -28.76 -19.24 -5.37
N MET C 192 -29.97 -19.72 -5.15
CA MET C 192 -30.53 -20.98 -5.67
C MET C 192 -29.85 -22.23 -5.11
N SER C 193 -28.78 -22.11 -4.33
CA SER C 193 -28.10 -23.30 -3.84
C SER C 193 -27.65 -23.24 -2.39
N ASN C 194 -27.62 -22.09 -1.73
CA ASN C 194 -26.96 -21.95 -0.45
C ASN C 194 -27.97 -21.70 0.67
N LEU C 195 -27.48 -21.76 1.90
CA LEU C 195 -28.30 -21.77 3.11
C LEU C 195 -27.86 -20.66 4.05
N ALA C 196 -28.81 -20.13 4.82
CA ALA C 196 -28.58 -18.97 5.66
C ALA C 196 -28.38 -19.39 7.11
N SER C 197 -28.29 -18.40 8.00
CA SER C 197 -28.02 -18.62 9.40
C SER C 197 -29.31 -18.54 10.21
N GLY C 198 -29.37 -19.32 11.29
CA GLY C 198 -30.56 -19.39 12.10
C GLY C 198 -31.62 -20.34 11.59
N VAL C 199 -31.35 -21.06 10.50
CA VAL C 199 -32.32 -21.97 9.91
C VAL C 199 -31.82 -23.40 10.09
N PRO C 200 -32.71 -24.39 10.19
CA PRO C 200 -32.26 -25.77 10.34
C PRO C 200 -31.52 -26.26 9.11
N ASP C 201 -30.94 -27.46 9.25
CA ASP C 201 -30.16 -28.07 8.18
C ASP C 201 -30.98 -29.00 7.30
N ARG C 202 -32.28 -29.08 7.49
CA ARG C 202 -33.14 -29.99 6.75
C ARG C 202 -33.68 -29.40 5.47
N PHE C 203 -33.33 -28.16 5.14
CA PHE C 203 -33.77 -27.50 3.92
C PHE C 203 -32.71 -27.65 2.85
N SER C 204 -33.15 -27.82 1.60
CA SER C 204 -32.22 -27.83 0.47
C SER C 204 -32.99 -27.42 -0.77
N GLY C 205 -32.27 -27.27 -1.88
CA GLY C 205 -32.96 -26.88 -3.10
C GLY C 205 -32.09 -26.91 -4.34
N SER C 206 -32.67 -27.29 -5.47
CA SER C 206 -31.90 -27.33 -6.70
C SER C 206 -32.85 -27.32 -7.89
N GLY C 207 -32.29 -27.08 -9.06
CA GLY C 207 -33.06 -27.11 -10.28
C GLY C 207 -32.17 -26.84 -11.47
N SER C 208 -32.73 -27.04 -12.66
CA SER C 208 -32.06 -26.72 -13.91
C SER C 208 -32.55 -25.37 -14.40
N GLY C 209 -31.95 -24.91 -15.49
CA GLY C 209 -32.33 -23.61 -16.09
C GLY C 209 -33.83 -23.48 -16.26
N THR C 210 -34.42 -22.45 -15.65
CA THR C 210 -35.86 -22.08 -15.72
C THR C 210 -36.78 -23.12 -15.05
N ALA C 211 -36.27 -24.06 -14.26
CA ALA C 211 -37.19 -24.97 -13.59
C ALA C 211 -36.53 -25.54 -12.35
N PHE C 212 -37.13 -25.31 -11.18
CA PHE C 212 -36.40 -25.61 -9.95
C PHE C 212 -37.36 -25.96 -8.83
N THR C 213 -36.80 -26.57 -7.77
CA THR C 213 -37.60 -27.09 -6.68
C THR C 213 -36.81 -27.10 -5.37
N LEU C 214 -37.52 -26.65 -4.33
CA LEU C 214 -37.03 -26.69 -2.95
C LEU C 214 -37.47 -27.99 -2.29
N THR C 215 -36.51 -28.64 -1.55
CA THR C 215 -36.77 -29.90 -0.86
C THR C 215 -36.75 -29.67 0.64
N ILE C 216 -37.82 -30.11 1.31
CA ILE C 216 -37.93 -30.05 2.76
C ILE C 216 -38.07 -31.48 3.28
N SER C 217 -37.24 -31.84 4.25
CA SER C 217 -37.17 -33.22 4.73
C SER C 217 -37.54 -33.28 6.20
N ARG C 218 -38.12 -34.42 6.60
CA ARG C 218 -38.53 -34.67 7.98
C ARG C 218 -39.43 -33.56 8.49
N LEU C 219 -40.46 -33.24 7.69
CA LEU C 219 -41.33 -32.10 7.96
C LEU C 219 -41.93 -32.19 9.35
N GLU C 220 -41.89 -31.07 10.08
CA GLU C 220 -42.46 -30.95 11.41
C GLU C 220 -43.38 -29.74 11.43
N ALA C 221 -43.87 -29.39 12.62
CA ALA C 221 -44.72 -28.23 12.77
C ALA C 221 -43.90 -26.96 12.67
N GLU C 222 -44.60 -25.82 12.60
CA GLU C 222 -44.06 -24.48 12.36
C GLU C 222 -43.45 -24.36 10.98
N ASP C 223 -43.76 -25.25 10.03
CA ASP C 223 -43.44 -25.09 8.63
C ASP C 223 -44.64 -24.72 7.78
N VAL C 224 -45.80 -24.54 8.39
CA VAL C 224 -46.96 -24.06 7.67
C VAL C 224 -46.75 -22.61 7.28
N GLY C 225 -47.31 -22.22 6.13
CA GLY C 225 -47.23 -20.85 5.68
C GLY C 225 -47.20 -20.80 4.17
N VAL C 226 -46.56 -19.76 3.64
CA VAL C 226 -46.42 -19.57 2.21
C VAL C 226 -44.95 -19.36 1.87
N TYR C 227 -44.51 -19.93 0.75
CA TYR C 227 -43.13 -19.85 0.30
C TYR C 227 -43.06 -18.96 -0.93
N TYR C 228 -41.94 -18.27 -1.11
CA TYR C 228 -41.81 -17.31 -2.19
C TYR C 228 -40.48 -17.47 -2.91
N CYS C 229 -40.51 -17.19 -4.22
CA CYS C 229 -39.33 -17.32 -5.07
C CYS C 229 -39.12 -16.03 -5.85
N MET C 230 -37.98 -15.37 -5.58
CA MET C 230 -37.51 -14.13 -6.19
C MET C 230 -36.38 -14.42 -7.19
N GLN C 231 -36.16 -13.46 -8.10
CA GLN C 231 -34.96 -13.44 -8.94
C GLN C 231 -34.26 -12.09 -8.78
N HIS C 232 -32.95 -12.09 -9.02
CA HIS C 232 -32.16 -10.86 -8.89
C HIS C 232 -31.11 -10.76 -10.00
N LEU C 233 -31.49 -11.06 -11.25
CA LEU C 233 -30.51 -11.03 -12.32
C LEU C 233 -30.15 -9.62 -12.74
N GLU C 234 -31.07 -8.68 -12.61
CA GLU C 234 -30.84 -7.28 -13.02
C GLU C 234 -32.14 -6.49 -12.83
N TYR C 235 -32.09 -5.21 -12.49
CA TYR C 235 -33.36 -4.52 -12.15
C TYR C 235 -34.29 -4.33 -13.35
N PRO C 236 -35.61 -4.44 -13.18
CA PRO C 236 -36.35 -4.67 -11.94
C PRO C 236 -36.35 -6.07 -11.32
N LEU C 237 -36.83 -6.15 -10.10
CA LEU C 237 -36.97 -7.41 -9.37
C LEU C 237 -38.43 -7.83 -9.39
N THR C 238 -38.68 -9.11 -9.60
CA THR C 238 -40.02 -9.60 -9.87
C THR C 238 -40.36 -10.78 -8.97
N PHE C 239 -41.64 -10.90 -8.65
CA PHE C 239 -42.18 -11.88 -7.72
C PHE C 239 -43.13 -12.84 -8.43
N GLY C 240 -43.67 -13.77 -7.64
CA GLY C 240 -44.63 -14.73 -8.11
C GLY C 240 -45.88 -14.72 -7.26
N ALA C 241 -46.53 -15.87 -7.10
CA ALA C 241 -47.75 -15.97 -6.30
C ALA C 241 -47.53 -16.61 -4.94
N GLY C 242 -46.73 -17.67 -4.88
CA GLY C 242 -46.47 -18.37 -3.64
C GLY C 242 -47.38 -19.58 -3.46
N THR C 243 -46.85 -20.60 -2.80
CA THR C 243 -47.57 -21.82 -2.51
C THR C 243 -47.92 -21.86 -1.03
N LYS C 244 -49.19 -22.15 -0.71
CA LYS C 244 -49.67 -22.20 0.66
C LYS C 244 -49.83 -23.64 1.10
N LEU C 245 -49.23 -23.99 2.22
CA LEU C 245 -49.30 -25.35 2.74
C LEU C 245 -50.30 -25.45 3.88
N GLU C 246 -50.78 -26.67 4.12
CA GLU C 246 -51.85 -26.93 5.05
C GLU C 246 -51.47 -28.12 5.94
N LEU C 247 -51.88 -28.07 7.19
CA LEU C 247 -51.72 -29.18 8.13
C LEU C 247 -52.63 -28.99 9.34
N THR D 6 24.53 -26.90 41.17
CA THR D 6 23.26 -26.19 41.32
C THR D 6 22.57 -26.00 39.97
N ALA D 7 22.45 -24.74 39.53
CA ALA D 7 21.84 -24.46 38.25
C ALA D 7 22.67 -25.03 37.10
N SER D 8 23.99 -24.92 37.19
CA SER D 8 24.86 -25.46 36.15
C SER D 8 24.71 -26.97 36.04
N ILE D 9 24.62 -27.67 37.18
CA ILE D 9 24.46 -29.11 37.16
C ILE D 9 23.14 -29.49 36.50
N ALA D 10 22.06 -28.78 36.84
CA ALA D 10 20.77 -29.06 36.23
C ALA D 10 20.79 -28.81 34.73
N GLN D 11 21.43 -27.71 34.30
CA GLN D 11 21.51 -27.42 32.87
C GLN D 11 22.32 -28.50 32.14
N ALA D 12 23.44 -28.92 32.72
CA ALA D 12 24.24 -29.95 32.10
C ALA D 12 23.48 -31.28 32.03
N ARG D 13 22.75 -31.62 33.08
CA ARG D 13 21.96 -32.84 33.07
C ARG D 13 20.88 -32.79 32.00
N LYS D 14 20.22 -31.64 31.87
CA LYS D 14 19.21 -31.49 30.82
C LYS D 14 19.81 -31.62 29.44
N LEU D 15 20.98 -30.99 29.22
CA LEU D 15 21.64 -31.11 27.92
C LEU D 15 22.04 -32.54 27.62
N VAL D 16 22.57 -33.25 28.62
CA VAL D 16 22.99 -34.64 28.42
C VAL D 16 21.79 -35.52 28.10
N GLU D 17 20.69 -35.34 28.84
CA GLU D 17 19.49 -36.13 28.59
C GLU D 17 18.93 -35.85 27.20
N GLN D 18 18.91 -34.57 26.79
CA GLN D 18 18.42 -34.23 25.47
C GLN D 18 19.27 -34.86 24.38
N LEU D 19 20.60 -34.79 24.53
CA LEU D 19 21.48 -35.40 23.54
C LEU D 19 21.31 -36.91 23.50
N LYS D 20 21.15 -37.54 24.66
CA LYS D 20 20.92 -38.98 24.70
C LYS D 20 19.63 -39.35 23.99
N MET D 21 18.56 -38.59 24.23
CA MET D 21 17.29 -38.88 23.57
C MET D 21 17.39 -38.67 22.08
N GLU D 22 18.14 -37.67 21.63
CA GLU D 22 18.33 -37.46 20.20
C GLU D 22 19.22 -38.51 19.58
N ALA D 23 20.11 -39.15 20.36
CA ALA D 23 21.03 -40.13 19.79
C ALA D 23 20.35 -41.45 19.47
N ASN D 24 19.25 -41.76 20.17
CA ASN D 24 18.60 -43.05 20.03
C ASN D 24 17.62 -43.11 18.86
N ILE D 25 17.47 -42.02 18.10
CA ILE D 25 16.50 -42.00 17.01
C ILE D 25 16.94 -42.95 15.91
N ASP D 26 16.03 -43.83 15.50
CA ASP D 26 16.31 -44.73 14.39
C ASP D 26 16.42 -43.93 13.09
N ARG D 27 17.43 -44.26 12.29
CA ARG D 27 17.69 -43.55 11.05
C ARG D 27 17.60 -44.52 9.87
N ILE D 28 17.57 -43.94 8.67
CA ILE D 28 17.59 -44.70 7.43
C ILE D 28 18.56 -44.02 6.48
N LYS D 29 19.01 -44.77 5.47
CA LYS D 29 20.01 -44.26 4.55
C LYS D 29 19.39 -43.23 3.59
N VAL D 30 20.20 -42.72 2.67
CA VAL D 30 19.81 -41.59 1.85
C VAL D 30 19.23 -42.03 0.50
N SER D 31 19.60 -43.20 0.00
CA SER D 31 19.10 -43.65 -1.29
C SER D 31 17.58 -43.82 -1.28
N LYS D 32 17.05 -44.39 -0.20
CA LYS D 32 15.61 -44.54 -0.07
C LYS D 32 14.91 -43.19 -0.03
N ALA D 33 15.45 -42.23 0.74
CA ALA D 33 14.83 -40.92 0.83
C ALA D 33 14.83 -40.22 -0.51
N ALA D 34 15.95 -40.29 -1.24
CA ALA D 34 16.00 -39.69 -2.57
C ALA D 34 14.97 -40.34 -3.50
N ALA D 35 14.90 -41.67 -3.49
CA ALA D 35 13.94 -42.36 -4.33
C ALA D 35 12.52 -41.92 -4.00
N ASP D 36 12.23 -41.72 -2.71
CA ASP D 36 10.93 -41.17 -2.31
C ASP D 36 10.72 -39.79 -2.90
N LEU D 37 11.76 -38.95 -2.90
CA LEU D 37 11.61 -37.60 -3.41
C LEU D 37 11.29 -37.60 -4.91
N MET D 38 12.03 -38.37 -5.72
CA MET D 38 11.65 -38.36 -7.14
C MET D 38 10.35 -39.11 -7.38
N ALA D 39 9.99 -40.06 -6.52
CA ALA D 39 8.68 -40.68 -6.66
C ALA D 39 7.57 -39.65 -6.47
N TYR D 40 7.69 -38.80 -5.45
CA TYR D 40 6.70 -37.76 -5.25
C TYR D 40 6.71 -36.77 -6.41
N CYS D 41 7.91 -36.41 -6.90
CA CYS D 41 7.99 -35.43 -7.98
C CYS D 41 7.30 -35.94 -9.24
N GLU D 42 7.51 -37.21 -9.58
CA GLU D 42 6.91 -37.79 -10.77
C GLU D 42 5.47 -38.22 -10.55
N ALA D 43 5.00 -38.26 -9.30
CA ALA D 43 3.64 -38.70 -9.04
C ALA D 43 2.60 -37.64 -9.39
N HIS D 44 2.92 -36.37 -9.15
CA HIS D 44 1.98 -35.27 -9.32
C HIS D 44 2.47 -34.27 -10.36
N ALA D 45 3.00 -34.77 -11.47
CA ALA D 45 3.66 -33.93 -12.47
C ALA D 45 2.75 -33.53 -13.62
N LYS D 46 1.46 -33.86 -13.56
CA LYS D 46 0.50 -33.46 -14.59
C LYS D 46 -0.57 -32.51 -14.06
N GLU D 47 -0.33 -31.86 -12.92
CA GLU D 47 -1.28 -30.93 -12.35
C GLU D 47 -0.64 -29.64 -11.84
N ASP D 48 0.67 -29.46 -12.03
CA ASP D 48 1.32 -28.22 -11.62
C ASP D 48 1.39 -27.28 -12.82
N PRO D 49 0.64 -26.20 -12.83
CA PRO D 49 0.58 -25.35 -14.02
C PRO D 49 1.82 -24.50 -14.24
N LEU D 50 2.45 -24.04 -13.16
CA LEU D 50 3.65 -23.22 -13.31
C LEU D 50 4.77 -24.02 -13.95
N LEU D 51 4.92 -25.28 -13.55
CA LEU D 51 5.94 -26.14 -14.14
C LEU D 51 5.54 -26.62 -15.53
N THR D 52 4.26 -26.95 -15.73
CA THR D 52 3.74 -27.42 -17.01
C THR D 52 2.60 -26.52 -17.45
N PRO D 53 2.75 -25.76 -18.53
CA PRO D 53 1.74 -24.75 -18.87
C PRO D 53 0.37 -25.35 -19.14
N VAL D 54 -0.66 -24.57 -18.84
CA VAL D 54 -2.06 -24.97 -18.95
C VAL D 54 -2.70 -24.20 -20.09
N PRO D 55 -3.63 -24.80 -20.85
CA PRO D 55 -4.32 -24.04 -21.90
C PRO D 55 -5.07 -22.83 -21.32
N ALA D 56 -5.02 -21.74 -22.07
CA ALA D 56 -5.59 -20.47 -21.62
C ALA D 56 -7.11 -20.45 -21.64
N SER D 57 -7.76 -21.48 -22.20
CA SER D 57 -9.22 -21.48 -22.28
C SER D 57 -9.89 -21.59 -20.91
N GLU D 58 -9.15 -22.00 -19.89
CA GLU D 58 -9.71 -22.16 -18.55
C GLU D 58 -9.02 -21.33 -17.49
N ASN D 59 -7.98 -20.60 -17.82
CA ASN D 59 -7.21 -19.87 -16.82
C ASN D 59 -8.05 -18.74 -16.23
N PRO D 60 -8.13 -18.61 -14.91
CA PRO D 60 -8.85 -17.46 -14.33
C PRO D 60 -8.04 -16.19 -14.32
N PHE D 61 -6.72 -16.26 -14.45
CA PHE D 61 -5.86 -15.09 -14.44
C PHE D 61 -5.40 -14.69 -15.84
N ARG D 62 -5.98 -15.28 -16.88
CA ARG D 62 -5.60 -14.96 -18.26
C ARG D 62 -6.83 -14.59 -19.08
N THR E 923 8.08 36.63 -42.63
CA THR E 923 8.42 37.37 -41.43
C THR E 923 9.15 36.47 -40.43
N ASN E 924 9.61 37.06 -39.34
CA ASN E 924 10.44 36.39 -38.35
C ASN E 924 9.70 36.25 -37.02
N PHE E 925 10.41 35.69 -36.04
CA PHE E 925 9.85 35.45 -34.71
C PHE E 925 9.78 36.72 -33.88
N ALA E 926 10.69 37.67 -34.09
CA ALA E 926 10.79 38.84 -33.24
C ALA E 926 9.55 39.73 -33.30
N VAL E 927 8.78 39.63 -34.38
CA VAL E 927 7.61 40.50 -34.55
C VAL E 927 6.64 40.38 -33.39
N LEU E 928 6.70 39.29 -32.63
CA LEU E 928 5.80 39.11 -31.50
C LEU E 928 5.97 40.18 -30.45
N MET E 929 7.18 40.74 -30.31
CA MET E 929 7.45 41.55 -29.13
C MET E 929 8.13 42.86 -29.50
N ALA E 930 7.75 43.45 -30.62
CA ALA E 930 8.27 44.75 -31.04
C ALA E 930 7.14 45.76 -30.95
N HIS E 931 7.38 46.86 -30.23
CA HIS E 931 6.38 47.90 -30.09
C HIS E 931 6.52 49.01 -31.10
N VAL E 932 7.57 49.00 -31.92
CA VAL E 932 7.78 50.02 -32.94
C VAL E 932 8.22 49.34 -34.23
N GLU E 933 7.65 49.77 -35.34
CA GLU E 933 8.04 49.23 -36.64
C GLU E 933 9.45 49.70 -37.01
N VAL E 934 10.20 48.80 -37.63
CA VAL E 934 11.57 49.07 -38.02
C VAL E 934 11.62 49.15 -39.54
N LYS E 935 12.61 49.88 -40.04
CA LYS E 935 12.75 50.11 -41.48
C LYS E 935 13.74 49.19 -42.18
N HIS E 936 14.86 48.89 -41.55
CA HIS E 936 15.92 48.08 -42.19
C HIS E 936 16.29 48.66 -43.55
N SER E 937 16.92 49.84 -43.49
CA SER E 937 17.27 50.61 -44.67
C SER E 937 17.73 49.76 -45.84
N ASP E 938 18.79 48.97 -45.64
CA ASP E 938 19.29 48.10 -46.70
C ASP E 938 20.18 47.04 -46.08
N ALA E 939 19.76 45.78 -46.18
CA ALA E 939 20.53 44.67 -45.63
C ALA E 939 20.01 43.37 -46.22
N VAL E 940 20.56 42.26 -45.73
CA VAL E 940 20.18 40.93 -46.16
C VAL E 940 19.84 40.14 -44.90
N HIS E 941 19.39 40.85 -43.87
CA HIS E 941 19.10 40.21 -42.59
C HIS E 941 17.84 39.38 -42.61
N ASP E 942 16.90 39.68 -43.50
CA ASP E 942 15.62 38.98 -43.51
C ASP E 942 15.79 37.49 -43.82
N LEU E 943 16.67 37.17 -44.77
CA LEU E 943 16.86 35.78 -45.15
C LEU E 943 17.45 34.98 -44.00
N LEU E 944 18.48 35.53 -43.34
CA LEU E 944 19.08 34.86 -42.21
C LEU E 944 18.08 34.66 -41.09
N LEU E 945 17.30 35.70 -40.78
CA LEU E 945 16.30 35.59 -39.72
C LEU E 945 15.26 34.52 -40.06
N ASP E 946 14.81 34.48 -41.31
CA ASP E 946 13.81 33.50 -41.70
C ASP E 946 14.35 32.09 -41.53
N VAL E 947 15.57 31.85 -42.00
CA VAL E 947 16.15 30.50 -41.90
C VAL E 947 16.30 30.11 -40.44
N ILE E 948 16.83 31.03 -39.62
CA ILE E 948 17.06 30.72 -38.21
C ILE E 948 15.75 30.39 -37.51
N THR E 949 14.73 31.23 -37.71
CA THR E 949 13.45 31.01 -37.04
C THR E 949 12.79 29.72 -37.48
N TRP E 950 12.80 29.43 -38.79
CA TRP E 950 12.17 28.21 -39.28
C TRP E 950 12.85 26.98 -38.70
N VAL E 951 14.19 26.93 -38.78
CA VAL E 951 14.91 25.77 -38.29
C VAL E 951 14.72 25.62 -36.78
N GLY E 952 14.82 26.73 -36.04
CA GLY E 952 14.71 26.63 -34.60
C GLY E 952 13.34 26.19 -34.14
N ILE E 953 12.29 26.79 -34.68
CA ILE E 953 10.93 26.40 -34.30
C ILE E 953 10.52 25.07 -34.88
N LEU E 954 11.31 24.50 -35.79
CA LEU E 954 11.09 23.11 -36.18
C LEU E 954 11.88 22.13 -35.32
N LEU E 955 12.98 22.56 -34.72
CA LEU E 955 13.70 21.67 -33.80
C LEU E 955 12.93 21.47 -32.51
N SER E 956 12.07 22.43 -32.15
CA SER E 956 11.05 22.17 -31.16
C SER E 956 9.95 21.35 -31.83
N LEU E 957 8.80 21.20 -31.16
CA LEU E 957 7.65 20.53 -31.73
C LEU E 957 7.89 19.05 -31.98
N VAL E 958 9.13 18.59 -31.79
CA VAL E 958 9.42 17.18 -31.64
C VAL E 958 9.94 16.87 -30.23
N CYS E 959 10.81 17.72 -29.70
CA CYS E 959 11.18 17.64 -28.30
C CYS E 959 9.99 17.91 -27.40
N LEU E 960 9.08 18.79 -27.81
CA LEU E 960 7.89 19.04 -27.00
C LEU E 960 7.05 17.78 -26.94
N LEU E 961 6.82 17.13 -28.08
CA LEU E 961 6.01 15.91 -28.09
C LEU E 961 6.65 14.82 -27.27
N ILE E 962 7.97 14.63 -27.42
CA ILE E 962 8.64 13.60 -26.64
C ILE E 962 8.57 13.94 -25.15
N CYS E 963 8.50 15.23 -24.81
CA CYS E 963 8.37 15.61 -23.42
C CYS E 963 6.96 15.41 -22.89
N ILE E 964 5.94 15.67 -23.70
CA ILE E 964 4.57 15.38 -23.28
C ILE E 964 4.41 13.91 -22.99
N PHE E 965 4.82 13.05 -23.93
CA PHE E 965 4.75 11.62 -23.66
C PHE E 965 5.66 11.22 -22.52
N THR E 966 6.73 11.99 -22.30
CA THR E 966 7.65 11.72 -21.21
C THR E 966 6.93 11.87 -19.87
N PHE E 967 6.16 12.93 -19.69
CA PHE E 967 5.60 13.27 -18.39
C PHE E 967 4.16 12.79 -18.19
N CYS E 968 3.63 11.95 -19.08
CA CYS E 968 2.25 11.50 -18.97
C CYS E 968 2.09 10.03 -18.65
N PHE E 969 2.85 9.14 -19.29
CA PHE E 969 2.66 7.71 -19.16
C PHE E 969 3.69 7.06 -18.25
N PHE E 970 4.07 7.74 -17.18
CA PHE E 970 4.95 7.16 -16.17
C PHE E 970 4.44 7.56 -14.79
N ARG E 971 4.20 6.57 -13.93
CA ARG E 971 3.66 6.82 -12.60
C ARG E 971 4.74 7.11 -11.57
N GLY E 972 6.00 6.97 -11.92
CA GLY E 972 7.08 7.26 -10.99
C GLY E 972 7.47 8.71 -10.90
N LEU E 973 6.76 9.60 -11.59
CA LEU E 973 7.11 11.02 -11.63
C LEU E 973 5.96 11.93 -11.20
N GLN E 974 4.85 11.39 -10.75
CA GLN E 974 3.67 12.21 -10.49
C GLN E 974 3.85 13.06 -9.25
N SER E 975 3.60 14.35 -9.39
CA SER E 975 3.72 15.36 -8.34
C SER E 975 3.15 16.66 -8.90
N ASP E 976 3.29 17.75 -8.14
CA ASP E 976 2.86 19.05 -8.66
C ASP E 976 3.81 19.56 -9.74
N ARG E 977 5.12 19.35 -9.55
CA ARG E 977 6.10 19.80 -10.53
C ARG E 977 5.85 19.15 -11.88
N ASN E 978 5.52 17.85 -11.88
CA ASN E 978 5.23 17.17 -13.14
C ASN E 978 4.03 17.81 -13.83
N THR E 979 3.00 18.15 -13.04
CA THR E 979 1.83 18.80 -13.60
C THR E 979 2.21 20.09 -14.32
N ILE E 980 3.00 20.94 -13.66
CA ILE E 980 3.35 22.22 -14.25
C ILE E 980 4.22 22.04 -15.50
N HIS E 981 5.17 21.12 -15.44
CA HIS E 981 6.01 20.84 -16.61
C HIS E 981 5.16 20.42 -17.81
N LYS E 982 4.25 19.47 -17.59
CA LYS E 982 3.44 18.94 -18.67
C LYS E 982 2.57 20.01 -19.29
N ASN E 983 1.93 20.83 -18.46
CA ASN E 983 1.08 21.89 -18.99
C ASN E 983 1.90 22.89 -19.80
N LEU E 984 3.08 23.26 -19.33
CA LEU E 984 3.91 24.20 -20.07
C LEU E 984 4.29 23.65 -21.44
N CYS E 985 4.68 22.37 -21.49
CA CYS E 985 5.08 21.80 -22.76
C CYS E 985 3.90 21.72 -23.74
N ILE E 986 2.72 21.35 -23.26
CA ILE E 986 1.53 21.33 -24.11
C ILE E 986 1.27 22.72 -24.70
N SER E 987 1.28 23.75 -23.85
CA SER E 987 0.94 25.10 -24.31
C SER E 987 1.94 25.60 -25.34
N LEU E 988 3.24 25.36 -25.10
CA LEU E 988 4.24 25.74 -26.10
C LEU E 988 4.00 25.04 -27.42
N PHE E 989 3.73 23.72 -27.37
CA PHE E 989 3.56 22.98 -28.61
C PHE E 989 2.44 23.58 -29.45
N VAL E 990 1.28 23.79 -28.84
CA VAL E 990 0.15 24.31 -29.60
C VAL E 990 0.45 25.71 -30.13
N ALA E 991 0.98 26.59 -29.27
CA ALA E 991 1.17 27.98 -29.68
C ALA E 991 2.18 28.08 -30.82
N GLU E 992 3.27 27.33 -30.75
CA GLU E 992 4.25 27.38 -31.83
C GLU E 992 3.69 26.77 -33.10
N LEU E 993 2.85 25.73 -33.00
CA LEU E 993 2.22 25.19 -34.20
C LEU E 993 1.38 26.25 -34.90
N LEU E 994 0.48 26.90 -34.16
CA LEU E 994 -0.37 27.92 -34.77
C LEU E 994 0.44 29.07 -35.34
N PHE E 995 1.50 29.49 -34.66
CA PHE E 995 2.34 30.54 -35.23
C PHE E 995 2.97 30.07 -36.54
N LEU E 996 3.47 28.84 -36.58
CA LEU E 996 4.14 28.36 -37.78
C LEU E 996 3.19 28.26 -38.96
N ILE E 997 1.93 27.90 -38.73
CA ILE E 997 1.00 27.72 -39.83
C ILE E 997 0.30 29.01 -40.25
N GLY E 998 -0.29 29.71 -39.29
CA GLY E 998 -1.23 30.77 -39.63
C GLY E 998 -0.83 32.21 -39.37
N ILE E 999 0.39 32.59 -39.70
CA ILE E 999 0.78 34.00 -39.61
C ILE E 999 0.59 34.72 -40.94
N ASN E 1000 1.10 34.17 -42.04
CA ASN E 1000 0.99 34.82 -43.35
C ASN E 1000 -0.34 34.40 -43.99
N ARG E 1001 -1.42 35.02 -43.50
CA ARG E 1001 -2.75 34.78 -44.04
C ARG E 1001 -3.56 36.07 -44.12
N THR E 1002 -2.91 37.21 -44.37
CA THR E 1002 -3.63 38.47 -44.47
C THR E 1002 -4.45 38.58 -45.75
N ASP E 1003 -4.28 37.65 -46.70
CA ASP E 1003 -5.06 37.70 -47.93
C ASP E 1003 -6.54 37.48 -47.68
N GLN E 1004 -6.91 36.59 -46.76
CA GLN E 1004 -8.30 36.32 -46.44
C GLN E 1004 -8.72 37.13 -45.22
N PRO E 1005 -9.59 38.13 -45.37
CA PRO E 1005 -9.94 38.97 -44.22
C PRO E 1005 -10.86 38.28 -43.22
N ILE E 1006 -11.07 36.98 -43.37
CA ILE E 1006 -11.93 36.24 -42.45
C ILE E 1006 -11.18 35.05 -41.87
N ALA E 1007 -10.17 34.56 -42.58
CA ALA E 1007 -9.44 33.38 -42.13
C ALA E 1007 -8.74 33.65 -40.80
N CYS E 1008 -7.97 34.72 -40.74
CA CYS E 1008 -7.47 35.24 -39.47
C CYS E 1008 -8.16 36.50 -39.03
N ALA E 1009 -7.70 37.04 -37.90
CA ALA E 1009 -8.54 38.00 -37.16
C ALA E 1009 -9.35 37.03 -36.30
N VAL E 1010 -9.22 35.72 -36.51
CA VAL E 1010 -9.58 34.70 -35.54
C VAL E 1010 -8.34 34.05 -34.94
N PHE E 1011 -7.30 33.87 -35.76
CA PHE E 1011 -6.03 33.36 -35.27
C PHE E 1011 -5.26 34.36 -34.40
N ALA E 1012 -5.58 35.65 -34.53
CA ALA E 1012 -5.07 36.75 -33.72
C ALA E 1012 -5.69 36.82 -32.33
N ALA E 1013 -6.52 35.85 -31.97
CA ALA E 1013 -7.01 35.68 -30.61
C ALA E 1013 -6.56 34.38 -29.99
N LEU E 1014 -6.58 33.29 -30.76
CA LEU E 1014 -6.14 32.01 -30.25
C LEU E 1014 -4.65 32.04 -29.92
N LEU E 1015 -3.84 32.69 -30.77
CA LEU E 1015 -2.42 32.83 -30.47
C LEU E 1015 -2.19 33.61 -29.19
N HIS E 1016 -2.93 34.71 -29.02
CA HIS E 1016 -2.94 35.46 -27.77
C HIS E 1016 -3.15 34.55 -26.58
N PHE E 1017 -4.23 33.76 -26.65
CA PHE E 1017 -4.62 32.88 -25.55
C PHE E 1017 -3.49 31.94 -25.18
N PHE E 1018 -2.93 31.25 -26.17
CA PHE E 1018 -1.99 30.19 -25.82
C PHE E 1018 -0.63 30.72 -25.37
N PHE E 1019 -0.14 31.81 -25.98
CA PHE E 1019 1.12 32.37 -25.47
C PHE E 1019 0.97 32.89 -24.05
N LEU E 1020 -0.14 33.55 -23.76
CA LEU E 1020 -0.32 34.05 -22.40
C LEU E 1020 -0.48 32.91 -21.40
N ALA E 1021 -1.05 31.78 -21.82
CA ALA E 1021 -1.09 30.59 -20.96
C ALA E 1021 0.32 30.08 -20.65
N ALA E 1022 1.19 30.01 -21.67
CA ALA E 1022 2.56 29.61 -21.43
C ALA E 1022 3.22 30.50 -20.38
N PHE E 1023 2.98 31.81 -20.46
CA PHE E 1023 3.60 32.71 -19.50
C PHE E 1023 3.08 32.49 -18.08
N THR E 1024 1.79 32.24 -17.93
CA THR E 1024 1.27 31.97 -16.59
C THR E 1024 1.89 30.71 -15.98
N TRP E 1025 2.06 29.66 -16.78
CA TRP E 1025 2.72 28.46 -16.25
C TRP E 1025 4.16 28.75 -15.83
N MET E 1026 4.89 29.55 -16.63
CA MET E 1026 6.25 29.89 -16.22
C MET E 1026 6.28 30.62 -14.88
N PHE E 1027 5.26 31.44 -14.60
CA PHE E 1027 5.15 32.07 -13.28
C PHE E 1027 4.92 31.03 -12.18
N LEU E 1028 4.05 30.05 -12.44
CA LEU E 1028 3.79 29.04 -11.42
C LEU E 1028 5.05 28.28 -11.06
N GLU E 1029 6.00 28.17 -12.00
CA GLU E 1029 7.27 27.52 -11.68
C GLU E 1029 8.01 28.23 -10.54
N GLY E 1030 8.10 29.57 -10.62
CA GLY E 1030 8.77 30.31 -9.56
C GLY E 1030 8.04 30.23 -8.24
N VAL E 1031 6.70 30.22 -8.29
CA VAL E 1031 5.95 30.03 -7.05
C VAL E 1031 6.31 28.69 -6.42
N GLN E 1032 6.45 27.65 -7.24
CA GLN E 1032 6.84 26.34 -6.71
C GLN E 1032 8.23 26.38 -6.09
N LEU E 1033 9.15 27.12 -6.71
CA LEU E 1033 10.49 27.27 -6.15
C LEU E 1033 10.43 27.85 -4.74
N TYR E 1034 9.65 28.91 -4.56
CA TYR E 1034 9.41 29.45 -3.22
C TYR E 1034 8.87 28.39 -2.28
N ILE E 1035 7.83 27.68 -2.69
CA ILE E 1035 7.17 26.72 -1.81
C ILE E 1035 8.17 25.66 -1.33
N MET E 1036 9.08 25.23 -2.20
CA MET E 1036 10.03 24.21 -1.77
C MET E 1036 11.26 24.76 -1.04
N LEU E 1037 11.54 26.06 -1.11
CA LEU E 1037 12.80 26.57 -0.55
C LEU E 1037 12.64 27.43 0.70
N VAL E 1038 11.44 27.91 1.02
CA VAL E 1038 11.22 28.79 2.17
C VAL E 1038 10.26 28.17 3.17
N GLU E 1039 9.07 27.78 2.73
CA GLU E 1039 8.14 27.03 3.56
C GLU E 1039 8.44 25.55 3.33
N VAL E 1040 9.42 25.04 4.08
CA VAL E 1040 10.07 23.79 3.72
C VAL E 1040 9.13 22.62 3.91
N PHE E 1041 8.22 22.70 4.88
CA PHE E 1041 7.32 21.62 5.22
C PHE E 1041 6.16 21.55 4.22
N GLU E 1042 5.38 20.48 4.33
CA GLU E 1042 4.27 20.27 3.41
C GLU E 1042 3.00 20.94 3.91
N SER E 1043 1.97 20.91 3.06
CA SER E 1043 0.66 21.41 3.39
C SER E 1043 -0.33 20.25 3.47
N GLU E 1044 -1.30 20.37 4.35
CA GLU E 1044 -2.22 19.26 4.62
C GLU E 1044 -3.26 19.06 3.54
N HIS E 1045 -3.48 20.05 2.67
CA HIS E 1045 -4.49 19.96 1.62
C HIS E 1045 -3.90 20.35 0.28
N SER E 1046 -4.27 19.62 -0.77
CA SER E 1046 -3.65 19.78 -2.08
C SER E 1046 -4.14 21.07 -2.74
N ARG E 1047 -3.43 21.46 -3.81
CA ARG E 1047 -3.67 22.73 -4.47
C ARG E 1047 -3.70 22.61 -5.99
N ARG E 1048 -4.11 21.44 -6.51
CA ARG E 1048 -4.22 21.29 -7.95
C ARG E 1048 -5.29 22.22 -8.52
N LYS E 1049 -6.41 22.36 -7.80
CA LYS E 1049 -7.53 23.16 -8.29
C LYS E 1049 -7.09 24.59 -8.58
N TYR E 1050 -6.40 25.21 -7.62
CA TYR E 1050 -5.98 26.60 -7.78
C TYR E 1050 -4.96 26.73 -8.91
N PHE E 1051 -4.06 25.77 -9.03
CA PHE E 1051 -3.09 25.78 -10.13
C PHE E 1051 -3.81 25.82 -11.47
N TYR E 1052 -4.72 24.88 -11.70
CA TYR E 1052 -5.43 24.84 -12.98
C TYR E 1052 -6.26 26.09 -13.19
N LEU E 1053 -6.96 26.55 -12.15
CA LEU E 1053 -7.80 27.73 -12.26
C LEU E 1053 -7.00 28.94 -12.72
N VAL E 1054 -5.90 29.25 -12.02
CA VAL E 1054 -5.11 30.42 -12.42
C VAL E 1054 -4.53 30.22 -13.81
N GLY E 1055 -3.89 29.06 -14.04
CA GLY E 1055 -3.15 28.85 -15.27
C GLY E 1055 -4.01 28.94 -16.52
N TYR E 1056 -5.18 28.31 -16.49
CA TYR E 1056 -6.06 28.32 -17.65
C TYR E 1056 -7.22 29.28 -17.53
N GLY E 1057 -7.20 30.17 -16.54
CA GLY E 1057 -8.27 31.13 -16.41
C GLY E 1057 -7.83 32.56 -16.53
N MET E 1058 -6.57 32.86 -16.20
CA MET E 1058 -6.06 34.20 -16.47
C MET E 1058 -6.06 34.53 -17.95
N PRO E 1059 -5.52 33.70 -18.85
CA PRO E 1059 -5.62 34.03 -20.28
C PRO E 1059 -7.05 34.16 -20.77
N ALA E 1060 -7.96 33.33 -20.27
CA ALA E 1060 -9.35 33.39 -20.71
C ALA E 1060 -9.98 34.73 -20.36
N LEU E 1061 -9.82 35.16 -19.10
CA LEU E 1061 -10.37 36.44 -18.69
C LEU E 1061 -9.73 37.59 -19.46
N ILE E 1062 -8.41 37.54 -19.65
CA ILE E 1062 -7.73 38.63 -20.36
C ILE E 1062 -8.22 38.72 -21.79
N VAL E 1063 -8.32 37.58 -22.49
CA VAL E 1063 -8.78 37.60 -23.88
C VAL E 1063 -10.22 38.06 -23.98
N ALA E 1064 -11.08 37.59 -23.06
CA ALA E 1064 -12.48 38.01 -23.10
C ALA E 1064 -12.62 39.51 -22.89
N VAL E 1065 -11.96 40.06 -21.87
CA VAL E 1065 -12.05 41.50 -21.61
C VAL E 1065 -11.45 42.29 -22.76
N SER E 1066 -10.31 41.82 -23.29
CA SER E 1066 -9.66 42.54 -24.38
C SER E 1066 -10.51 42.55 -25.65
N ALA E 1067 -11.15 41.42 -25.96
CA ALA E 1067 -12.05 41.37 -27.11
C ALA E 1067 -13.26 42.26 -26.89
N ALA E 1068 -13.78 42.31 -25.66
CA ALA E 1068 -14.91 43.19 -25.38
C ALA E 1068 -14.52 44.66 -25.56
N VAL E 1069 -13.31 45.03 -25.15
CA VAL E 1069 -12.93 46.43 -25.12
C VAL E 1069 -12.78 46.98 -26.54
N ASP E 1070 -12.06 46.25 -27.39
CA ASP E 1070 -11.72 46.75 -28.73
C ASP E 1070 -11.58 45.54 -29.66
N TYR E 1071 -12.67 45.18 -30.32
CA TYR E 1071 -12.73 43.96 -31.11
C TYR E 1071 -12.28 44.15 -32.55
N ARG E 1072 -11.85 45.36 -32.93
CA ARG E 1072 -11.52 45.65 -34.32
C ARG E 1072 -10.04 45.56 -34.63
N SER E 1073 -9.17 45.77 -33.64
CA SER E 1073 -7.73 45.81 -33.88
C SER E 1073 -7.11 44.42 -34.02
N TYR E 1074 -7.90 43.36 -33.85
CA TYR E 1074 -7.38 42.00 -34.00
C TYR E 1074 -7.05 41.69 -35.45
N GLY E 1075 -6.06 42.41 -35.98
CA GLY E 1075 -5.60 42.16 -37.33
C GLY E 1075 -4.90 43.32 -37.99
N THR E 1076 -3.84 43.05 -38.72
CA THR E 1076 -3.00 44.07 -39.32
C THR E 1076 -3.00 43.91 -40.85
N ASP E 1077 -2.14 44.68 -41.51
CA ASP E 1077 -2.06 44.65 -42.96
C ASP E 1077 -0.96 43.75 -43.49
N LYS E 1078 0.14 43.58 -42.77
CA LYS E 1078 1.27 42.80 -43.26
C LYS E 1078 1.20 41.35 -42.80
N VAL E 1079 1.23 41.11 -41.50
CA VAL E 1079 1.07 39.80 -40.91
C VAL E 1079 0.05 39.87 -39.78
N CYS E 1080 -0.93 38.98 -39.79
CA CYS E 1080 -2.15 39.19 -39.03
C CYS E 1080 -1.91 38.81 -37.57
N TRP E 1081 -1.57 39.81 -36.79
CA TRP E 1081 -1.30 39.72 -35.35
C TRP E 1081 -1.94 40.98 -34.76
N LEU E 1082 -1.56 41.34 -33.54
CA LEU E 1082 -2.15 42.52 -32.93
C LEU E 1082 -1.62 43.79 -33.61
N ARG E 1083 -2.41 44.85 -33.53
CA ARG E 1083 -2.09 46.08 -34.23
C ARG E 1083 -1.10 46.93 -33.44
N LEU E 1084 -0.72 48.06 -34.03
CA LEU E 1084 0.19 49.01 -33.39
C LEU E 1084 -0.27 50.46 -33.48
N ASP E 1085 -1.12 50.82 -34.43
CA ASP E 1085 -1.58 52.21 -34.53
C ASP E 1085 -2.29 52.64 -33.26
N THR E 1086 -3.19 51.81 -32.77
CA THR E 1086 -3.61 51.89 -31.38
C THR E 1086 -2.66 51.03 -30.54
N TYR E 1087 -2.60 51.35 -29.26
CA TYR E 1087 -1.58 50.77 -28.37
C TYR E 1087 -1.91 49.35 -27.96
N PHE E 1088 -2.77 48.68 -28.71
CA PHE E 1088 -3.42 47.48 -28.25
C PHE E 1088 -2.45 46.31 -28.13
N ILE E 1089 -1.31 46.38 -28.82
CA ILE E 1089 -0.25 45.38 -28.67
C ILE E 1089 0.19 45.26 -27.21
N TRP E 1090 -0.05 46.28 -26.39
CA TRP E 1090 0.33 46.22 -25.00
C TRP E 1090 -0.64 45.38 -24.17
N SER E 1091 -1.46 44.56 -24.82
CA SER E 1091 -2.20 43.51 -24.13
C SER E 1091 -1.42 42.21 -24.01
N PHE E 1092 -0.17 42.17 -24.48
CA PHE E 1092 0.67 40.99 -24.35
C PHE E 1092 2.00 41.29 -23.68
N ILE E 1093 2.60 42.45 -23.98
CA ILE E 1093 3.93 42.75 -23.48
C ILE E 1093 3.92 42.99 -21.98
N GLY E 1094 2.87 43.63 -21.47
CA GLY E 1094 2.77 43.96 -20.06
C GLY E 1094 2.86 42.76 -19.13
N PRO E 1095 1.98 41.77 -19.34
CA PRO E 1095 2.06 40.55 -18.51
C PRO E 1095 3.41 39.85 -18.62
N ALA E 1096 4.01 39.83 -19.81
CA ALA E 1096 5.31 39.20 -19.97
C ALA E 1096 6.35 39.89 -19.12
N THR E 1097 6.39 41.23 -19.15
CA THR E 1097 7.36 41.97 -18.35
C THR E 1097 7.15 41.74 -16.86
N LEU E 1098 5.90 41.78 -16.40
CA LEU E 1098 5.63 41.60 -14.98
C LEU E 1098 6.06 40.21 -14.50
N ILE E 1099 5.71 39.18 -15.28
CA ILE E 1099 6.10 37.82 -14.90
C ILE E 1099 7.61 37.67 -14.90
N ILE E 1100 8.31 38.31 -15.84
CA ILE E 1100 9.77 38.23 -15.86
C ILE E 1100 10.36 38.85 -14.61
N MET E 1101 9.85 40.01 -14.20
CA MET E 1101 10.33 40.65 -12.97
C MET E 1101 10.13 39.76 -11.75
N LEU E 1102 8.94 39.17 -11.63
CA LEU E 1102 8.67 38.33 -10.45
C LEU E 1102 9.56 37.09 -10.44
N ASN E 1103 9.81 36.51 -11.61
CA ASN E 1103 10.74 35.38 -11.67
C ASN E 1103 12.15 35.79 -11.25
N VAL E 1104 12.57 37.01 -11.61
CA VAL E 1104 13.88 37.50 -11.15
C VAL E 1104 13.92 37.53 -9.62
N ILE E 1105 12.85 38.03 -9.00
CA ILE E 1105 12.79 38.07 -7.53
C ILE E 1105 12.94 36.65 -6.96
N PHE E 1106 12.17 35.71 -7.50
CA PHE E 1106 12.20 34.36 -6.94
C PHE E 1106 13.56 33.70 -7.13
N LEU E 1107 14.21 33.93 -8.27
CA LEU E 1107 15.53 33.36 -8.48
C LEU E 1107 16.55 33.94 -7.51
N GLY E 1108 16.46 35.24 -7.23
CA GLY E 1108 17.34 35.83 -6.23
C GLY E 1108 17.18 35.18 -4.88
N ILE E 1109 15.94 34.94 -4.46
CA ILE E 1109 15.70 34.28 -3.18
C ILE E 1109 16.31 32.88 -3.18
N ALA E 1110 16.12 32.14 -4.27
CA ALA E 1110 16.65 30.78 -4.35
C ALA E 1110 18.17 30.78 -4.22
N LEU E 1111 18.85 31.66 -4.95
CA LEU E 1111 20.31 31.72 -4.86
C LEU E 1111 20.76 32.11 -3.46
N TYR E 1112 20.06 33.07 -2.84
CA TYR E 1112 20.42 33.46 -1.48
C TYR E 1112 20.38 32.29 -0.52
N LYS E 1113 19.28 31.54 -0.51
CA LYS E 1113 19.24 30.41 0.41
C LYS E 1113 20.08 29.23 -0.05
N MET E 1114 20.54 29.22 -1.30
CA MET E 1114 21.47 28.19 -1.73
C MET E 1114 22.91 28.52 -1.34
N PHE E 1115 23.21 29.78 -1.13
CA PHE E 1115 24.56 30.18 -0.70
C PHE E 1115 24.72 30.24 0.81
N HIS E 1116 23.70 30.76 1.52
CA HIS E 1116 23.83 30.99 2.96
C HIS E 1116 23.79 29.68 3.74
N HIS E 1117 22.94 28.73 3.34
CA HIS E 1117 22.74 27.50 4.08
C HIS E 1117 23.68 26.39 3.64
N THR E 1118 24.88 26.73 3.20
CA THR E 1118 25.86 25.71 2.81
C THR E 1118 27.29 26.25 2.99
N TRP E 1143 26.59 23.12 -9.82
CA TRP E 1143 26.24 24.49 -9.46
C TRP E 1143 25.75 25.30 -10.66
N VAL E 1144 26.65 25.50 -11.62
CA VAL E 1144 26.30 26.28 -12.82
C VAL E 1144 25.17 25.61 -13.59
N ILE E 1145 25.17 24.28 -13.62
CA ILE E 1145 24.13 23.55 -14.35
C ILE E 1145 22.75 23.90 -13.80
N GLY E 1146 22.61 24.00 -12.48
CA GLY E 1146 21.33 24.37 -11.91
C GLY E 1146 20.91 25.79 -12.25
N ALA E 1147 21.86 26.73 -12.16
CA ALA E 1147 21.57 28.13 -12.50
C ALA E 1147 21.30 28.33 -13.98
N ILE E 1148 21.67 27.36 -14.83
CA ILE E 1148 21.27 27.42 -16.23
C ILE E 1148 19.96 26.70 -16.48
N ALA E 1149 19.69 25.61 -15.74
CA ALA E 1149 18.43 24.90 -15.90
C ALA E 1149 17.24 25.69 -15.37
N LEU E 1150 17.46 26.54 -14.38
CA LEU E 1150 16.36 27.40 -13.92
C LEU E 1150 16.07 28.53 -14.90
N LEU E 1151 17.04 28.91 -15.71
CA LEU E 1151 16.84 30.01 -16.65
C LEU E 1151 15.93 29.62 -17.80
N CYS E 1152 15.86 28.33 -18.14
CA CYS E 1152 15.01 27.92 -19.26
C CYS E 1152 13.53 28.01 -18.90
N LEU E 1153 13.14 27.51 -17.72
CA LEU E 1153 11.74 27.52 -17.34
C LEU E 1153 11.24 28.94 -17.15
N LEU E 1154 11.78 29.65 -16.16
CA LEU E 1154 11.47 31.05 -16.00
C LEU E 1154 11.94 31.80 -17.23
N GLY E 1155 11.03 32.33 -18.03
CA GLY E 1155 11.41 32.87 -19.33
C GLY E 1155 12.12 34.20 -19.24
N LEU E 1156 13.36 34.19 -18.76
CA LEU E 1156 14.09 35.44 -18.56
C LEU E 1156 14.84 35.90 -19.80
N THR E 1157 14.86 35.08 -20.85
CA THR E 1157 15.50 35.48 -22.10
C THR E 1157 14.53 36.19 -23.05
N TRP E 1158 13.23 36.19 -22.75
CA TRP E 1158 12.26 36.90 -23.57
C TRP E 1158 12.36 38.40 -23.43
N ALA E 1159 13.15 38.91 -22.49
CA ALA E 1159 13.18 40.33 -22.21
C ALA E 1159 14.13 41.11 -23.11
N PHE E 1160 14.88 40.43 -23.98
CA PHE E 1160 15.80 41.13 -24.86
C PHE E 1160 15.05 41.95 -25.91
N GLY E 1161 14.08 41.33 -26.58
CA GLY E 1161 13.40 41.94 -27.70
C GLY E 1161 12.75 43.28 -27.42
N LEU E 1162 12.68 43.67 -26.15
CA LEU E 1162 12.09 44.98 -25.84
C LEU E 1162 13.00 46.13 -26.22
N MET E 1163 14.31 45.91 -26.28
CA MET E 1163 15.27 46.98 -26.56
C MET E 1163 15.61 47.05 -28.05
N TYR E 1164 15.01 46.18 -28.86
CA TYR E 1164 15.16 46.25 -30.31
C TYR E 1164 14.41 47.43 -30.88
N ILE E 1165 15.08 48.58 -30.96
CA ILE E 1165 14.45 49.88 -31.20
C ILE E 1165 14.78 50.43 -32.58
N ASN E 1166 16.06 50.45 -32.94
CA ASN E 1166 16.48 51.13 -34.17
C ASN E 1166 17.45 50.22 -34.93
N GLU E 1167 18.10 50.79 -35.93
CA GLU E 1167 18.88 50.00 -36.88
C GLU E 1167 20.15 49.44 -36.25
N SER E 1168 20.78 50.18 -35.34
CA SER E 1168 22.09 49.81 -34.83
C SER E 1168 22.03 48.77 -33.72
N THR E 1169 20.85 48.25 -33.39
CA THR E 1169 20.69 47.31 -32.29
C THR E 1169 20.31 45.91 -32.76
N VAL E 1170 20.44 45.63 -34.06
CA VAL E 1170 19.96 44.37 -34.63
C VAL E 1170 20.55 43.16 -33.94
N ILE E 1171 21.73 43.29 -33.33
CA ILE E 1171 22.34 42.15 -32.68
C ILE E 1171 21.41 41.58 -31.61
N MET E 1172 20.72 42.45 -30.87
CA MET E 1172 19.80 41.95 -29.85
C MET E 1172 18.67 41.16 -30.48
N ALA E 1173 18.19 41.61 -31.63
CA ALA E 1173 17.16 40.88 -32.34
C ALA E 1173 17.61 39.47 -32.68
N TYR E 1174 18.92 39.26 -32.80
CA TYR E 1174 19.41 37.91 -33.01
C TYR E 1174 19.28 37.09 -31.74
N LEU E 1175 19.68 37.66 -30.60
CA LEU E 1175 19.64 36.93 -29.35
C LEU E 1175 18.23 36.46 -29.01
N PHE E 1176 17.23 37.25 -29.36
CA PHE E 1176 15.85 36.83 -29.17
C PHE E 1176 15.55 35.56 -29.96
N THR E 1177 15.88 35.55 -31.25
CA THR E 1177 15.45 34.45 -32.11
C THR E 1177 16.22 33.17 -31.84
N ILE E 1178 17.51 33.28 -31.49
CA ILE E 1178 18.33 32.11 -31.30
C ILE E 1178 17.94 31.36 -30.03
N PHE E 1179 17.61 32.09 -28.97
CA PHE E 1179 17.35 31.47 -27.68
C PHE E 1179 15.87 31.09 -27.52
N ASN E 1180 14.98 32.08 -27.64
CA ASN E 1180 13.57 31.85 -27.34
C ASN E 1180 12.98 30.74 -28.20
N SER E 1181 13.20 30.81 -29.51
CA SER E 1181 12.67 29.78 -30.39
C SER E 1181 13.24 28.40 -30.08
N LEU E 1182 14.39 28.33 -29.44
CA LEU E 1182 14.99 27.05 -29.10
C LEU E 1182 14.58 26.56 -27.72
N GLN E 1183 13.64 27.26 -27.06
CA GLN E 1183 13.28 26.93 -25.69
C GLN E 1183 12.95 25.46 -25.54
N GLY E 1184 12.10 24.94 -26.41
CA GLY E 1184 11.67 23.56 -26.28
C GLY E 1184 12.81 22.55 -26.33
N MET E 1185 13.90 22.89 -27.00
CA MET E 1185 15.05 21.99 -26.99
C MET E 1185 15.68 21.96 -25.61
N PHE E 1186 15.93 23.15 -25.05
CA PHE E 1186 16.65 23.24 -23.78
C PHE E 1186 15.99 22.41 -22.71
N ILE E 1187 14.66 22.54 -22.57
CA ILE E 1187 13.94 21.77 -21.58
C ILE E 1187 14.21 20.28 -21.75
N PHE E 1188 14.06 19.78 -22.98
CA PHE E 1188 14.23 18.35 -23.22
C PHE E 1188 15.62 17.87 -22.84
N ILE E 1189 16.61 18.78 -22.83
CA ILE E 1189 17.94 18.39 -22.39
C ILE E 1189 18.06 18.49 -20.89
N PHE E 1190 17.58 19.60 -20.32
CA PHE E 1190 17.83 19.85 -18.90
C PHE E 1190 16.91 19.06 -17.99
N HIS E 1191 15.68 18.77 -18.43
CA HIS E 1191 14.68 18.16 -17.58
C HIS E 1191 14.18 16.82 -18.12
N CYS E 1192 14.86 16.22 -19.09
CA CYS E 1192 14.60 14.83 -19.44
C CYS E 1192 15.88 14.00 -19.38
N VAL E 1193 16.97 14.51 -19.96
CA VAL E 1193 18.19 13.72 -20.10
C VAL E 1193 19.07 13.85 -18.86
N LEU E 1194 19.25 15.06 -18.34
CA LEU E 1194 20.14 15.32 -17.22
C LEU E 1194 19.49 15.07 -15.87
N GLN E 1195 18.43 14.26 -15.81
CA GLN E 1195 17.79 13.91 -14.55
C GLN E 1195 17.91 12.42 -14.32
N LYS E 1196 18.34 12.03 -13.12
CA LYS E 1196 18.51 10.62 -12.82
C LYS E 1196 17.18 9.88 -12.79
N LYS E 1197 16.16 10.48 -12.19
CA LYS E 1197 14.88 9.79 -12.03
C LYS E 1197 14.28 9.42 -13.37
N VAL E 1198 14.26 10.38 -14.30
CA VAL E 1198 13.63 10.15 -15.60
C VAL E 1198 14.40 9.08 -16.38
N ARG E 1199 15.73 9.19 -16.39
CA ARG E 1199 16.53 8.21 -17.13
C ARG E 1199 16.36 6.81 -16.55
N LYS E 1200 16.37 6.69 -15.23
CA LYS E 1200 16.18 5.37 -14.61
C LYS E 1200 14.79 4.83 -14.91
N GLU E 1201 13.76 5.68 -14.83
CA GLU E 1201 12.40 5.21 -15.07
C GLU E 1201 12.17 4.87 -16.54
N TYR E 1202 13.01 5.36 -17.45
CA TYR E 1202 12.79 5.11 -18.86
C TYR E 1202 13.69 4.04 -19.44
N GLY E 1203 14.86 3.80 -18.84
CA GLY E 1203 15.77 2.78 -19.34
C GLY E 1203 15.39 1.36 -18.95
N LYS E 1204 14.41 1.20 -18.05
CA LYS E 1204 14.07 -0.12 -17.55
C LYS E 1204 12.76 -0.67 -18.12
N CYS E 1205 11.91 0.17 -18.71
CA CYS E 1205 10.64 -0.28 -19.26
C CYS E 1205 10.53 -0.05 -20.75
N LEU E 1206 10.93 1.12 -21.24
CA LEU E 1206 10.89 1.38 -22.67
C LEU E 1206 12.00 0.63 -23.40
N ARG E 1207 13.19 0.55 -22.79
CA ARG E 1207 14.32 -0.11 -23.41
C ARG E 1207 14.39 -1.60 -23.10
N THR E 1208 13.65 -2.06 -22.10
CA THR E 1208 13.66 -3.48 -21.73
C THR E 1208 12.44 -3.84 -20.89
#